data_6CB0
#
_entry.id   6CB0
#
_cell.length_a   50.152
_cell.length_b   123.902
_cell.length_c   135.155
_cell.angle_alpha   90.00
_cell.angle_beta   90.00
_cell.angle_gamma   90.00
#
_symmetry.space_group_name_H-M   'P 21 21 21'
#
loop_
_entity.id
_entity.type
_entity.pdbx_description
1 polymer 'Focal adhesion kinase 1'
2 water water
#
_entity_poly.entity_id   1
_entity_poly.type   'polypeptide(L)'
_entity_poly.pdbx_seq_one_letter_code
;GSMGAMERVLKVFHYFENSSEPTTWASIIRHGDATDVRGIIQKIVDCHKVKNVACYGLRLSHLQSEEVHWLHLDMGVSNV
REKFELAHPPEEWKYELRIRYLPKGFLNQFTEDKPTLNFFYQQVKNDYMLEIADQVDQEIALKLGCLEIRRSYGEMRGNA
LEKKSNYEVLEKDVGLRRFFPKSLLDSVKAKTLRKLIQQTFRQFANLNREESILKFFEILSPVYRFDKECFKCALGSSWI
ISVELAIGPEEGISYLTDKGANPTHLADFNQVQTIQYSNSEDKDRKGMLQLKIAGAPEPLTVTAPSLTIAENMADLIDGY
CRLVNGATQSFIIRPQKEGERALPSIPKLANNEKQGVRSHTVSVSETDDYAEIIDEED
;
_entity_poly.pdbx_strand_id   A,B
#
# COMPACT_ATOMS: atom_id res chain seq x y z
N GLY A 4 -38.61 -22.93 10.17
CA GLY A 4 -40.02 -23.24 10.20
C GLY A 4 -40.25 -24.67 10.62
N ALA A 5 -41.14 -25.37 9.90
CA ALA A 5 -41.44 -26.76 10.22
C ALA A 5 -41.29 -27.62 8.97
N MET A 6 -41.74 -27.01 7.88
CA MET A 6 -41.70 -27.55 6.53
C MET A 6 -41.01 -26.56 5.59
N GLU A 7 -40.51 -25.47 6.15
CA GLU A 7 -39.80 -24.43 5.44
C GLU A 7 -38.31 -24.74 5.39
N ARG A 8 -37.90 -25.84 6.03
CA ARG A 8 -36.52 -26.27 6.06
C ARG A 8 -36.10 -27.08 4.84
N VAL A 9 -36.12 -26.42 3.69
CA VAL A 9 -35.69 -26.96 2.44
C VAL A 9 -34.75 -25.86 2.00
N LEU A 10 -33.51 -26.23 1.71
CA LEU A 10 -32.52 -25.24 1.33
C LEU A 10 -31.97 -25.53 -0.04
N LYS A 11 -31.88 -24.49 -0.86
CA LYS A 11 -31.32 -24.67 -2.18
C LYS A 11 -29.89 -24.17 -2.11
N VAL A 12 -28.97 -25.05 -2.47
CA VAL A 12 -27.53 -24.76 -2.47
C VAL A 12 -26.99 -24.89 -3.92
N PHE A 13 -26.55 -23.81 -4.45
CA PHE A 13 -25.93 -23.75 -5.79
C PHE A 13 -24.54 -24.32 -5.64
N HIS A 14 -24.06 -25.03 -6.64
CA HIS A 14 -22.75 -25.63 -6.59
C HIS A 14 -22.15 -25.77 -7.99
N TYR A 15 -20.97 -26.38 -8.08
CA TYR A 15 -20.15 -26.45 -9.33
C TYR A 15 -19.91 -27.88 -9.74
N PHE A 16 -20.73 -28.82 -9.25
CA PHE A 16 -20.66 -30.22 -9.73
C PHE A 16 -21.52 -30.32 -11.02
N GLU A 17 -20.87 -30.47 -12.16
CA GLU A 17 -21.49 -30.33 -13.49
C GLU A 17 -22.51 -31.45 -13.76
N ASN A 18 -23.58 -31.08 -14.46
CA ASN A 18 -24.61 -31.99 -15.03
C ASN A 18 -25.14 -31.36 -16.34
N SER A 19 -26.03 -32.07 -17.03
CA SER A 19 -26.44 -31.68 -18.38
C SER A 19 -27.21 -30.34 -18.43
N SER A 20 -27.81 -29.90 -17.31
CA SER A 20 -28.51 -28.58 -17.25
C SER A 20 -27.64 -27.38 -17.56
N GLU A 21 -28.34 -26.25 -17.69
CA GLU A 21 -27.82 -24.88 -17.54
C GLU A 21 -26.88 -24.67 -16.33
N PRO A 22 -25.61 -24.20 -16.55
CA PRO A 22 -24.70 -24.03 -15.36
C PRO A 22 -25.22 -23.14 -14.22
N THR A 23 -25.74 -21.95 -14.54
CA THR A 23 -26.39 -21.06 -13.56
C THR A 23 -27.46 -21.75 -12.74
N THR A 24 -27.82 -22.96 -13.15
CA THR A 24 -28.87 -23.79 -12.56
C THR A 24 -28.29 -24.90 -11.64
N TRP A 25 -26.99 -25.25 -11.72
CA TRP A 25 -26.50 -26.39 -10.90
C TRP A 25 -26.66 -26.11 -9.37
N ALA A 26 -27.48 -26.93 -8.75
CA ALA A 26 -27.86 -26.72 -7.37
C ALA A 26 -28.40 -28.00 -6.83
N SER A 27 -28.33 -28.19 -5.51
CA SER A 27 -29.00 -29.33 -4.83
C SER A 27 -30.09 -28.77 -3.90
N ILE A 28 -31.22 -29.46 -3.82
CA ILE A 28 -32.25 -29.09 -2.88
C ILE A 28 -32.14 -30.06 -1.68
N ILE A 29 -32.04 -29.50 -0.48
CA ILE A 29 -31.75 -30.26 0.68
C ILE A 29 -32.79 -29.97 1.76
N ARG A 30 -33.33 -31.05 2.29
CA ARG A 30 -34.26 -30.94 3.36
C ARG A 30 -33.39 -31.21 4.58
N HIS A 31 -33.47 -30.32 5.54
CA HIS A 31 -32.68 -30.48 6.75
C HIS A 31 -33.55 -30.34 7.98
N GLY A 32 -32.93 -30.72 9.12
CA GLY A 32 -33.49 -30.50 10.42
C GLY A 32 -33.15 -29.22 11.12
N ASP A 33 -33.78 -29.12 12.27
CA ASP A 33 -33.62 -27.97 13.15
C ASP A 33 -32.24 -27.83 13.79
N ALA A 34 -31.48 -28.93 13.89
CA ALA A 34 -30.10 -28.90 14.40
C ALA A 34 -29.03 -29.15 13.29
N THR A 35 -29.41 -29.33 12.05
CA THR A 35 -28.38 -29.47 10.98
C THR A 35 -27.46 -28.25 11.02
N ASP A 36 -26.16 -28.49 10.92
CA ASP A 36 -25.21 -27.38 10.73
C ASP A 36 -24.68 -27.28 9.29
N VAL A 37 -23.98 -26.20 9.02
CA VAL A 37 -23.29 -26.01 7.71
C VAL A 37 -22.44 -27.20 7.34
N ARG A 38 -21.70 -27.74 8.31
CA ARG A 38 -20.84 -28.89 8.11
C ARG A 38 -21.63 -30.07 7.52
N GLY A 39 -22.85 -30.27 8.01
CA GLY A 39 -23.75 -31.37 7.55
C GLY A 39 -24.25 -31.13 6.11
N ILE A 40 -24.58 -29.90 5.81
CA ILE A 40 -24.96 -29.51 4.45
C ILE A 40 -23.83 -29.77 3.49
N ILE A 41 -22.64 -29.25 3.80
CA ILE A 41 -21.44 -29.50 2.95
C ILE A 41 -21.13 -31.02 2.76
N GLN A 42 -21.11 -31.74 3.85
CA GLN A 42 -20.81 -33.15 3.83
C GLN A 42 -21.72 -33.93 2.89
N LYS A 43 -23.01 -33.66 3.00
CA LYS A 43 -23.99 -34.39 2.22
C LYS A 43 -23.83 -34.09 0.73
N ILE A 44 -23.63 -32.84 0.37
CA ILE A 44 -23.44 -32.54 -1.04
C ILE A 44 -22.20 -33.20 -1.58
N VAL A 45 -21.07 -32.99 -0.92
CA VAL A 45 -19.81 -33.46 -1.48
C VAL A 45 -19.70 -35.00 -1.45
N ASP A 46 -20.29 -35.69 -0.44
CA ASP A 46 -20.23 -37.21 -0.39
C ASP A 46 -21.05 -37.79 -1.53
N CYS A 47 -22.16 -37.14 -1.85
CA CYS A 47 -22.91 -37.53 -2.99
C CYS A 47 -22.07 -37.51 -4.28
N HIS A 48 -21.04 -36.67 -4.43
CA HIS A 48 -20.17 -36.72 -5.59
C HIS A 48 -18.83 -37.38 -5.33
N LYS A 49 -18.69 -38.09 -4.23
CA LYS A 49 -17.53 -38.93 -3.95
C LYS A 49 -16.21 -38.11 -3.83
N VAL A 50 -16.36 -36.90 -3.31
CA VAL A 50 -15.24 -36.02 -3.04
C VAL A 50 -14.35 -36.59 -1.96
N LYS A 51 -13.06 -36.56 -2.19
CA LYS A 51 -12.03 -36.79 -1.17
C LYS A 51 -11.65 -35.56 -0.35
N ASN A 52 -11.45 -34.44 -1.02
CA ASN A 52 -11.01 -33.20 -0.31
C ASN A 52 -12.14 -32.37 0.29
N VAL A 53 -12.84 -32.97 1.25
CA VAL A 53 -13.99 -32.38 1.90
C VAL A 53 -13.57 -31.11 2.67
N ALA A 54 -12.37 -31.08 3.16
CA ALA A 54 -11.89 -29.96 3.97
C ALA A 54 -11.70 -28.64 3.15
N CYS A 55 -11.74 -28.71 1.83
CA CYS A 55 -11.58 -27.54 0.98
C CYS A 55 -12.80 -26.65 0.78
N TYR A 56 -13.98 -27.13 1.21
CA TYR A 56 -15.22 -26.55 0.76
C TYR A 56 -15.82 -25.73 1.83
N GLY A 57 -16.45 -24.64 1.44
CA GLY A 57 -17.17 -23.75 2.35
C GLY A 57 -18.52 -23.43 1.77
N LEU A 58 -19.28 -22.61 2.48
CA LEU A 58 -20.61 -22.22 2.07
C LEU A 58 -20.71 -20.71 2.17
N ARG A 59 -20.98 -20.06 1.05
CA ARG A 59 -21.03 -18.59 0.96
C ARG A 59 -22.45 -18.13 0.70
N LEU A 60 -22.94 -17.24 1.53
CA LEU A 60 -24.23 -16.66 1.44
C LEU A 60 -24.07 -15.25 0.87
N SER A 61 -24.76 -14.93 -0.24
CA SER A 61 -24.79 -13.50 -0.73
CA SER A 61 -24.78 -13.55 -0.77
C SER A 61 -26.16 -13.02 -1.06
N HIS A 62 -26.36 -11.72 -0.89
CA HIS A 62 -27.61 -11.04 -1.19
C HIS A 62 -27.53 -10.71 -2.71
N LEU A 63 -28.55 -11.13 -3.45
CA LEU A 63 -28.58 -10.92 -4.91
C LEU A 63 -28.47 -9.47 -5.37
N GLN A 64 -28.80 -8.51 -4.51
CA GLN A 64 -28.70 -7.06 -4.80
C GLN A 64 -27.60 -6.30 -4.05
N SER A 65 -26.61 -7.00 -3.46
CA SER A 65 -25.47 -6.34 -2.79
C SER A 65 -24.25 -7.01 -3.22
N GLU A 66 -23.14 -6.34 -2.97
CA GLU A 66 -21.80 -6.91 -3.09
C GLU A 66 -21.46 -7.74 -1.81
N GLU A 67 -22.23 -7.57 -0.73
CA GLU A 67 -21.98 -8.23 0.54
C GLU A 67 -22.13 -9.76 0.50
N VAL A 68 -21.20 -10.39 1.20
CA VAL A 68 -21.05 -11.79 1.28
C VAL A 68 -20.86 -12.19 2.74
N HIS A 69 -21.36 -13.36 3.10
CA HIS A 69 -21.25 -13.97 4.42
C HIS A 69 -20.78 -15.42 4.21
N TRP A 70 -19.54 -15.69 4.62
CA TRP A 70 -19.04 -17.06 4.70
C TRP A 70 -19.57 -17.72 5.96
N LEU A 71 -20.28 -18.83 5.83
CA LEU A 71 -20.95 -19.49 6.92
C LEU A 71 -20.03 -20.52 7.52
N HIS A 72 -19.65 -20.33 8.77
CA HIS A 72 -18.68 -21.26 9.39
C HIS A 72 -19.34 -22.63 9.60
N LEU A 73 -18.58 -23.69 9.35
CA LEU A 73 -19.01 -25.10 9.51
C LEU A 73 -19.91 -25.40 10.73
N ASP A 74 -19.63 -24.77 11.87
CA ASP A 74 -20.41 -25.03 13.11
C ASP A 74 -21.68 -24.23 13.28
N MET A 75 -21.96 -23.30 12.37
CA MET A 75 -23.19 -22.54 12.43
C MET A 75 -24.36 -23.45 12.09
N GLY A 76 -25.44 -23.31 12.86
CA GLY A 76 -26.73 -24.02 12.61
C GLY A 76 -27.49 -23.40 11.41
N VAL A 77 -28.02 -24.23 10.54
CA VAL A 77 -28.68 -23.76 9.29
C VAL A 77 -29.90 -22.94 9.59
N SER A 78 -30.73 -23.46 10.51
CA SER A 78 -31.95 -22.70 10.86
C SER A 78 -31.58 -21.41 11.53
N ASN A 79 -30.50 -21.40 12.32
CA ASN A 79 -30.04 -20.14 12.98
C ASN A 79 -29.61 -19.11 11.92
N VAL A 80 -28.82 -19.57 10.98
CA VAL A 80 -28.38 -18.69 9.91
C VAL A 80 -29.57 -18.19 9.15
N ARG A 81 -30.47 -19.09 8.78
CA ARG A 81 -31.59 -18.64 7.92
C ARG A 81 -32.51 -17.61 8.60
N GLU A 82 -32.78 -17.83 9.87
CA GLU A 82 -33.62 -16.92 10.64
C GLU A 82 -32.90 -15.61 10.82
N LYS A 83 -31.60 -15.63 11.05
CA LYS A 83 -30.93 -14.33 11.20
C LYS A 83 -30.97 -13.53 9.90
N PHE A 84 -30.59 -14.12 8.76
CA PHE A 84 -30.55 -13.33 7.54
C PHE A 84 -31.93 -13.10 6.94
N GLU A 85 -32.89 -13.98 7.17
CA GLU A 85 -34.31 -13.64 6.85
C GLU A 85 -34.91 -12.47 7.64
N LEU A 86 -34.35 -12.07 8.79
CA LEU A 86 -34.68 -10.76 9.43
C LEU A 86 -34.18 -9.54 8.59
N ALA A 87 -33.12 -9.69 7.83
CA ALA A 87 -32.59 -8.57 7.02
C ALA A 87 -33.39 -8.39 5.71
N HIS A 88 -33.61 -9.50 5.00
CA HIS A 88 -34.18 -9.53 3.64
C HIS A 88 -34.82 -10.90 3.44
N PRO A 89 -35.92 -10.98 2.65
CA PRO A 89 -36.66 -12.24 2.51
C PRO A 89 -35.89 -13.33 1.75
N PRO A 90 -36.29 -14.62 1.93
CA PRO A 90 -35.59 -15.84 1.41
C PRO A 90 -35.21 -15.81 -0.06
N GLU A 91 -36.08 -15.24 -0.90
CA GLU A 91 -35.83 -15.23 -2.33
C GLU A 91 -34.63 -14.34 -2.69
N GLU A 92 -34.26 -13.38 -1.84
CA GLU A 92 -33.16 -12.46 -2.18
C GLU A 92 -31.76 -12.98 -1.73
N TRP A 93 -31.67 -14.23 -1.23
CA TRP A 93 -30.40 -14.81 -0.74
C TRP A 93 -29.99 -15.98 -1.61
N LYS A 94 -28.71 -16.12 -1.90
CA LYS A 94 -28.17 -17.26 -2.61
C LYS A 94 -27.14 -17.94 -1.72
N TYR A 95 -27.31 -19.24 -1.50
CA TYR A 95 -26.38 -20.05 -0.80
C TYR A 95 -25.61 -20.84 -1.85
N GLU A 96 -24.28 -20.82 -1.75
CA GLU A 96 -23.42 -21.32 -2.76
C GLU A 96 -22.26 -22.05 -2.14
N LEU A 97 -22.14 -23.31 -2.49
CA LEU A 97 -21.04 -24.16 -2.09
C LEU A 97 -19.85 -23.79 -2.96
N ARG A 98 -18.70 -23.62 -2.33
CA ARG A 98 -17.49 -23.20 -2.99
C ARG A 98 -16.25 -23.83 -2.38
N ILE A 99 -15.21 -23.95 -3.19
CA ILE A 99 -13.90 -24.37 -2.68
C ILE A 99 -13.27 -23.07 -2.16
N ARG A 100 -12.90 -23.02 -0.89
CA ARG A 100 -12.30 -21.79 -0.32
C ARG A 100 -10.94 -21.99 0.29
N TYR A 101 -10.62 -23.20 0.76
CA TYR A 101 -9.35 -23.45 1.49
C TYR A 101 -8.51 -24.39 0.62
N LEU A 102 -7.47 -23.85 -0.02
CA LEU A 102 -6.64 -24.58 -0.96
C LEU A 102 -5.40 -25.13 -0.33
N PRO A 103 -5.17 -26.44 -0.48
CA PRO A 103 -3.90 -27.00 -0.05
C PRO A 103 -2.77 -26.45 -0.86
N LYS A 104 -1.60 -26.34 -0.26
CA LYS A 104 -0.39 -26.12 -1.11
C LYS A 104 -0.30 -27.19 -2.19
N GLY A 105 0.07 -26.81 -3.39
CA GLY A 105 0.13 -27.80 -4.47
C GLY A 105 -1.29 -28.28 -4.81
N PHE A 106 -2.28 -27.38 -4.72
CA PHE A 106 -3.72 -27.82 -4.89
C PHE A 106 -4.05 -28.51 -6.22
N LEU A 107 -3.45 -28.05 -7.31
CA LEU A 107 -3.73 -28.68 -8.57
C LEU A 107 -3.28 -30.11 -8.63
N ASN A 108 -2.05 -30.40 -8.16
CA ASN A 108 -1.57 -31.77 -8.12
C ASN A 108 -2.45 -32.62 -7.24
N GLN A 109 -2.84 -32.06 -6.10
CA GLN A 109 -3.67 -32.84 -5.18
C GLN A 109 -5.05 -33.12 -5.82
N PHE A 110 -5.64 -32.09 -6.44
CA PHE A 110 -6.97 -32.22 -7.03
C PHE A 110 -7.02 -33.19 -8.23
N THR A 111 -5.90 -33.33 -8.92
CA THR A 111 -5.79 -34.39 -9.93
C THR A 111 -6.11 -35.79 -9.41
N GLU A 112 -5.90 -36.05 -8.13
CA GLU A 112 -6.29 -37.36 -7.57
C GLU A 112 -7.72 -37.41 -7.02
N ASP A 113 -8.50 -36.34 -7.23
CA ASP A 113 -9.89 -36.24 -6.76
C ASP A 113 -10.64 -35.52 -7.85
N LYS A 114 -10.95 -36.27 -8.91
CA LYS A 114 -11.61 -35.68 -10.15
C LYS A 114 -12.86 -34.87 -9.94
N PRO A 115 -13.77 -35.30 -9.04
CA PRO A 115 -14.92 -34.39 -8.76
C PRO A 115 -14.47 -33.00 -8.25
N THR A 116 -13.45 -32.95 -7.40
CA THR A 116 -12.93 -31.69 -6.88
C THR A 116 -12.20 -30.89 -7.92
N LEU A 117 -11.37 -31.52 -8.72
CA LEU A 117 -10.71 -30.86 -9.79
C LEU A 117 -11.75 -30.23 -10.72
N ASN A 118 -12.82 -30.99 -11.05
CA ASN A 118 -13.87 -30.47 -11.91
C ASN A 118 -14.69 -29.34 -11.30
N PHE A 119 -14.98 -29.47 -10.00
CA PHE A 119 -15.70 -28.45 -9.29
C PHE A 119 -14.89 -27.15 -9.27
N PHE A 120 -13.59 -27.27 -8.92
CA PHE A 120 -12.75 -26.09 -8.84
C PHE A 120 -12.64 -25.43 -10.19
N TYR A 121 -12.48 -26.24 -11.23
CA TYR A 121 -12.47 -25.70 -12.58
C TYR A 121 -13.73 -24.93 -12.92
N GLN A 122 -14.89 -25.49 -12.64
CA GLN A 122 -16.17 -24.82 -12.94
C GLN A 122 -16.31 -23.56 -12.15
N GLN A 123 -15.91 -23.61 -10.87
CA GLN A 123 -15.92 -22.40 -10.05
C GLN A 123 -15.06 -21.26 -10.59
N VAL A 124 -13.80 -21.56 -10.94
CA VAL A 124 -12.88 -20.56 -11.38
C VAL A 124 -13.32 -20.07 -12.79
N LYS A 125 -13.79 -21.00 -13.60
CA LYS A 125 -14.30 -20.61 -14.96
C LYS A 125 -15.44 -19.63 -14.89
N ASN A 126 -16.37 -19.86 -13.96
CA ASN A 126 -17.49 -18.98 -13.74
C ASN A 126 -17.04 -17.57 -13.32
N ASP A 127 -16.14 -17.49 -12.36
CA ASP A 127 -15.61 -16.22 -11.93
C ASP A 127 -14.81 -15.52 -13.07
N TYR A 128 -14.06 -16.28 -13.83
CA TYR A 128 -13.40 -15.78 -15.07
C TYR A 128 -14.37 -15.11 -16.04
N MET A 129 -15.40 -15.85 -16.41
CA MET A 129 -16.38 -15.36 -17.37
C MET A 129 -17.13 -14.18 -16.81
N LEU A 130 -17.34 -14.12 -15.49
CA LEU A 130 -18.04 -13.00 -14.88
C LEU A 130 -17.18 -11.77 -14.68
N GLU A 131 -15.92 -11.90 -14.36
CA GLU A 131 -15.15 -10.78 -13.87
C GLU A 131 -14.07 -10.29 -14.80
N ILE A 132 -13.50 -11.15 -15.62
CA ILE A 132 -12.39 -10.65 -16.46
C ILE A 132 -12.33 -11.06 -17.94
N ALA A 133 -13.13 -12.06 -18.35
CA ALA A 133 -13.07 -12.58 -19.72
C ALA A 133 -13.25 -11.48 -20.79
N ASP A 134 -14.14 -10.52 -20.55
CA ASP A 134 -14.27 -9.35 -21.45
C ASP A 134 -13.04 -8.41 -21.49
N GLN A 135 -12.08 -8.54 -20.59
CA GLN A 135 -10.98 -7.60 -20.49
C GLN A 135 -9.65 -8.25 -20.85
N VAL A 136 -9.48 -9.57 -20.70
CA VAL A 136 -8.19 -10.20 -20.99
C VAL A 136 -7.89 -10.10 -22.49
N ASP A 137 -6.65 -10.37 -22.84
CA ASP A 137 -6.24 -10.47 -24.24
C ASP A 137 -7.06 -11.51 -24.96
N GLN A 138 -7.58 -11.08 -26.09
CA GLN A 138 -8.42 -11.88 -26.93
C GLN A 138 -7.82 -13.24 -27.27
N GLU A 139 -6.49 -13.32 -27.39
CA GLU A 139 -5.84 -14.58 -27.60
C GLU A 139 -6.06 -15.46 -26.39
N ILE A 140 -6.02 -14.86 -25.21
CA ILE A 140 -6.21 -15.65 -23.99
C ILE A 140 -7.67 -16.13 -23.94
N ALA A 141 -8.63 -15.26 -24.18
CA ALA A 141 -10.00 -15.66 -24.21
C ALA A 141 -10.30 -16.74 -25.30
N LEU A 142 -9.61 -16.69 -26.45
CA LEU A 142 -9.74 -17.74 -27.48
C LEU A 142 -9.27 -19.09 -26.99
N LYS A 143 -8.10 -19.12 -26.38
CA LYS A 143 -7.58 -20.34 -25.91
C LYS A 143 -8.41 -21.01 -24.79
N LEU A 144 -8.85 -20.21 -23.83
CA LEU A 144 -9.59 -20.72 -22.69
C LEU A 144 -10.94 -21.26 -23.16
N GLY A 145 -11.58 -20.55 -24.07
CA GLY A 145 -12.82 -20.98 -24.69
C GLY A 145 -12.60 -22.29 -25.46
N CYS A 146 -11.50 -22.38 -26.20
CA CYS A 146 -11.20 -23.60 -26.94
C CYS A 146 -10.95 -24.80 -26.00
N LEU A 147 -10.32 -24.54 -24.88
CA LEU A 147 -10.09 -25.59 -23.91
C LEU A 147 -11.39 -26.09 -23.32
N GLU A 148 -12.37 -25.22 -23.06
CA GLU A 148 -13.61 -25.67 -22.51
C GLU A 148 -14.37 -26.53 -23.54
N ILE A 149 -14.28 -26.15 -24.80
CA ILE A 149 -14.86 -26.98 -25.87
C ILE A 149 -14.22 -28.33 -25.87
N ARG A 150 -12.89 -28.34 -25.81
CA ARG A 150 -12.17 -29.63 -25.82
C ARG A 150 -12.51 -30.51 -24.66
N ARG A 151 -12.75 -29.88 -23.49
CA ARG A 151 -13.06 -30.61 -22.29
C ARG A 151 -14.52 -31.04 -22.31
N SER A 152 -15.38 -30.14 -22.74
CA SER A 152 -16.82 -30.42 -22.68
C SER A 152 -17.25 -31.52 -23.64
N TYR A 153 -16.65 -31.53 -24.82
CA TYR A 153 -17.01 -32.52 -25.85
C TYR A 153 -15.88 -33.53 -25.96
N GLY A 154 -15.76 -34.33 -24.92
CA GLY A 154 -14.64 -35.22 -24.78
C GLY A 154 -14.51 -36.32 -25.78
N GLU A 155 -15.60 -36.68 -26.47
CA GLU A 155 -15.56 -37.78 -27.42
C GLU A 155 -15.38 -37.24 -28.82
N MET A 156 -15.43 -35.92 -29.00
CA MET A 156 -15.31 -35.35 -30.34
C MET A 156 -13.91 -35.66 -30.91
N ARG A 157 -13.81 -36.09 -32.17
CA ARG A 157 -12.57 -36.17 -32.89
C ARG A 157 -11.91 -34.80 -33.02
N GLY A 158 -10.60 -34.75 -32.92
CA GLY A 158 -9.91 -33.49 -32.74
C GLY A 158 -9.99 -32.58 -33.92
N ASN A 159 -10.37 -33.10 -35.09
CA ASN A 159 -10.55 -32.21 -36.23
C ASN A 159 -12.01 -31.94 -36.59
N ALA A 160 -12.95 -32.29 -35.72
CA ALA A 160 -14.35 -32.14 -36.10
C ALA A 160 -14.79 -30.71 -36.42
N LEU A 161 -14.22 -29.73 -35.75
CA LEU A 161 -14.67 -28.38 -35.90
C LEU A 161 -14.18 -27.74 -37.17
N GLU A 162 -13.32 -28.43 -37.87
CA GLU A 162 -12.95 -28.00 -39.22
C GLU A 162 -14.17 -28.07 -40.16
N LYS A 163 -15.14 -28.94 -39.87
CA LYS A 163 -16.34 -28.98 -40.67
C LYS A 163 -17.28 -27.90 -40.30
N LYS A 164 -17.66 -27.08 -41.28
CA LYS A 164 -18.62 -26.01 -41.00
C LYS A 164 -19.91 -26.47 -40.35
N SER A 165 -20.42 -27.62 -40.76
CA SER A 165 -21.70 -28.05 -40.24
C SER A 165 -21.58 -28.34 -38.71
N ASN A 166 -20.43 -28.79 -38.26
CA ASN A 166 -20.18 -29.06 -36.80
C ASN A 166 -20.04 -27.72 -36.08
N TYR A 167 -19.24 -26.82 -36.63
CA TYR A 167 -19.00 -25.49 -36.03
C TYR A 167 -20.29 -24.73 -35.91
N GLU A 168 -21.16 -24.89 -36.89
CA GLU A 168 -22.48 -24.24 -36.89
C GLU A 168 -23.33 -24.69 -35.72
N VAL A 169 -23.21 -25.93 -35.30
CA VAL A 169 -23.99 -26.39 -34.14
C VAL A 169 -23.57 -25.58 -32.90
N LEU A 170 -22.25 -25.43 -32.67
CA LEU A 170 -21.78 -24.52 -31.61
C LEU A 170 -22.23 -23.09 -31.79
N GLU A 171 -22.09 -22.56 -32.99
CA GLU A 171 -22.41 -21.14 -33.24
C GLU A 171 -23.91 -20.85 -33.16
N LYS A 172 -24.75 -21.71 -33.74
CA LYS A 172 -26.20 -21.42 -33.87
C LYS A 172 -27.08 -22.06 -32.86
N ASP A 173 -26.78 -23.29 -32.46
CA ASP A 173 -27.62 -24.04 -31.54
C ASP A 173 -27.11 -23.88 -30.10
N VAL A 174 -25.80 -24.07 -29.86
CA VAL A 174 -25.29 -24.01 -28.47
C VAL A 174 -25.12 -22.57 -28.07
N GLY A 175 -24.46 -21.77 -28.91
CA GLY A 175 -24.14 -20.40 -28.59
C GLY A 175 -22.70 -20.28 -28.06
N LEU A 176 -21.91 -19.44 -28.72
CA LEU A 176 -20.51 -19.30 -28.41
C LEU A 176 -20.35 -18.57 -27.13
N ARG A 177 -21.41 -17.91 -26.64
CA ARG A 177 -21.40 -17.28 -25.33
C ARG A 177 -21.12 -18.25 -24.21
N ARG A 178 -21.43 -19.53 -24.38
CA ARG A 178 -21.09 -20.53 -23.37
C ARG A 178 -19.60 -20.62 -23.10
N PHE A 179 -18.76 -20.29 -24.07
CA PHE A 179 -17.31 -20.52 -23.98
C PHE A 179 -16.48 -19.26 -24.09
N PHE A 180 -16.99 -18.20 -24.73
CA PHE A 180 -16.22 -17.00 -25.05
C PHE A 180 -16.93 -15.73 -24.57
N PRO A 181 -16.18 -14.68 -24.24
CA PRO A 181 -16.87 -13.43 -23.76
C PRO A 181 -17.60 -12.64 -24.87
N LYS A 182 -18.67 -11.95 -24.51
CA LYS A 182 -19.39 -11.05 -25.45
C LYS A 182 -18.50 -10.17 -26.25
N SER A 183 -17.47 -9.65 -25.62
CA SER A 183 -16.64 -8.70 -26.30
C SER A 183 -15.83 -9.37 -27.42
N LEU A 184 -15.50 -10.65 -27.30
CA LEU A 184 -14.80 -11.31 -28.41
C LEU A 184 -15.78 -11.48 -29.56
N LEU A 185 -16.98 -11.92 -29.26
CA LEU A 185 -17.94 -12.27 -30.29
C LEU A 185 -18.49 -11.01 -31.02
N ASP A 186 -18.59 -9.90 -30.30
CA ASP A 186 -19.11 -8.64 -30.86
C ASP A 186 -18.04 -7.92 -31.69
N SER A 187 -16.77 -8.26 -31.51
CA SER A 187 -15.70 -7.51 -32.13
C SER A 187 -15.01 -8.22 -33.28
N VAL A 188 -15.43 -9.41 -33.68
CA VAL A 188 -14.72 -10.12 -34.76
C VAL A 188 -15.81 -10.48 -35.69
N LYS A 189 -15.59 -10.32 -36.99
CA LYS A 189 -16.47 -10.92 -38.04
C LYS A 189 -16.67 -12.45 -37.86
N ALA A 190 -17.90 -12.91 -38.03
CA ALA A 190 -18.27 -14.33 -37.82
C ALA A 190 -17.35 -15.32 -38.55
N LYS A 191 -17.00 -15.05 -39.83
CA LYS A 191 -16.12 -15.97 -40.58
C LYS A 191 -14.76 -15.93 -40.00
N THR A 192 -14.31 -14.75 -39.60
CA THR A 192 -12.97 -14.68 -39.05
C THR A 192 -12.85 -15.42 -37.67
N LEU A 193 -13.90 -15.23 -36.88
CA LEU A 193 -14.04 -15.88 -35.58
C LEU A 193 -14.04 -17.38 -35.74
N ARG A 194 -14.80 -17.86 -36.71
CA ARG A 194 -14.76 -19.28 -36.98
C ARG A 194 -13.34 -19.74 -37.23
N LYS A 195 -12.64 -19.02 -38.11
CA LYS A 195 -11.29 -19.46 -38.44
C LYS A 195 -10.28 -19.47 -37.24
N LEU A 196 -10.36 -18.40 -36.45
CA LEU A 196 -9.56 -18.23 -35.20
C LEU A 196 -9.84 -19.33 -34.20
N ILE A 197 -11.15 -19.68 -34.01
CA ILE A 197 -11.52 -20.82 -33.17
C ILE A 197 -10.98 -22.14 -33.65
N GLN A 198 -11.17 -22.42 -34.94
CA GLN A 198 -10.71 -23.72 -35.54
C GLN A 198 -9.22 -23.89 -35.42
N GLN A 199 -8.52 -22.79 -35.66
CA GLN A 199 -7.08 -22.76 -35.60
C GLN A 199 -6.59 -22.89 -34.16
N THR A 200 -7.12 -22.05 -33.26
CA THR A 200 -6.73 -22.13 -31.84
C THR A 200 -6.94 -23.54 -31.29
N PHE A 201 -8.09 -24.15 -31.62
CA PHE A 201 -8.43 -25.44 -31.12
C PHE A 201 -7.40 -26.51 -31.48
N ARG A 202 -6.69 -26.35 -32.62
CA ARG A 202 -5.70 -27.38 -33.04
C ARG A 202 -4.62 -27.66 -32.04
N GLN A 203 -4.08 -26.63 -31.41
CA GLN A 203 -3.05 -26.84 -30.38
C GLN A 203 -3.55 -27.64 -29.17
N PHE A 204 -4.87 -27.80 -28.98
CA PHE A 204 -5.44 -28.46 -27.83
C PHE A 204 -6.20 -29.71 -28.21
N ALA A 205 -6.15 -30.09 -29.50
CA ALA A 205 -7.03 -31.12 -30.02
C ALA A 205 -6.82 -32.51 -29.44
N ASN A 206 -5.65 -32.81 -28.90
CA ASN A 206 -5.36 -34.14 -28.41
C ASN A 206 -5.39 -34.18 -26.89
N LEU A 207 -5.78 -33.09 -26.23
CA LEU A 207 -5.87 -33.09 -24.78
C LEU A 207 -7.12 -33.78 -24.30
N ASN A 208 -6.92 -34.61 -23.28
CA ASN A 208 -8.00 -35.26 -22.62
C ASN A 208 -8.64 -34.26 -21.65
N ARG A 209 -9.63 -34.68 -20.88
CA ARG A 209 -10.40 -33.73 -20.09
C ARG A 209 -9.60 -33.07 -18.93
N GLU A 210 -8.85 -33.90 -18.23
CA GLU A 210 -7.97 -33.44 -17.14
C GLU A 210 -6.87 -32.51 -17.68
N GLU A 211 -6.28 -32.91 -18.79
CA GLU A 211 -5.22 -32.09 -19.38
C GLU A 211 -5.79 -30.79 -19.83
N SER A 212 -7.03 -30.82 -20.34
CA SER A 212 -7.63 -29.53 -20.76
C SER A 212 -7.81 -28.61 -19.58
N ILE A 213 -8.33 -29.18 -18.49
CA ILE A 213 -8.56 -28.38 -17.28
C ILE A 213 -7.23 -27.76 -16.77
N LEU A 214 -6.18 -28.57 -16.78
CA LEU A 214 -4.88 -28.11 -16.24
C LEU A 214 -4.29 -27.06 -17.13
N LYS A 215 -4.44 -27.23 -18.45
CA LYS A 215 -4.02 -26.19 -19.42
C LYS A 215 -4.74 -24.88 -19.25
N PHE A 216 -6.05 -24.97 -18.97
CA PHE A 216 -6.85 -23.79 -18.70
C PHE A 216 -6.27 -23.01 -17.51
N PHE A 217 -6.02 -23.70 -16.41
CA PHE A 217 -5.45 -22.99 -15.25
C PHE A 217 -4.06 -22.36 -15.55
N GLU A 218 -3.20 -23.12 -16.21
CA GLU A 218 -1.92 -22.62 -16.68
C GLU A 218 -2.00 -21.32 -17.44
N ILE A 219 -3.01 -21.17 -18.32
CA ILE A 219 -3.12 -20.00 -19.17
C ILE A 219 -3.79 -18.86 -18.44
N LEU A 220 -4.74 -19.18 -17.55
CA LEU A 220 -5.44 -18.15 -16.81
C LEU A 220 -4.57 -17.54 -15.62
N SER A 221 -3.77 -18.37 -14.94
CA SER A 221 -3.05 -17.97 -13.69
C SER A 221 -2.31 -16.61 -13.80
N PRO A 222 -1.55 -16.41 -14.90
CA PRO A 222 -0.90 -15.12 -15.14
C PRO A 222 -1.75 -13.87 -15.15
N VAL A 223 -3.01 -13.97 -15.50
CA VAL A 223 -3.78 -12.79 -15.66
C VAL A 223 -4.92 -12.69 -14.66
N TYR A 224 -5.10 -13.71 -13.84
CA TYR A 224 -6.20 -13.73 -12.89
C TYR A 224 -5.83 -14.63 -11.71
N ARG A 225 -5.90 -14.09 -10.51
CA ARG A 225 -5.55 -14.80 -9.30
C ARG A 225 -6.87 -15.39 -8.81
N PHE A 226 -6.88 -16.70 -8.74
CA PHE A 226 -8.02 -17.40 -8.22
C PHE A 226 -7.57 -18.28 -7.04
N ASP A 227 -6.35 -18.11 -6.52
CA ASP A 227 -5.81 -18.96 -5.47
C ASP A 227 -5.47 -18.16 -4.21
N LYS A 228 -6.03 -16.96 -4.05
CA LYS A 228 -5.86 -16.19 -2.80
C LYS A 228 -7.02 -15.21 -2.61
N GLU A 229 -7.26 -14.81 -1.38
CA GLU A 229 -8.19 -13.74 -1.12
C GLU A 229 -7.41 -12.58 -0.50
N CYS A 230 -7.87 -11.38 -0.72
CA CYS A 230 -7.31 -10.19 -0.14
C CYS A 230 -8.31 -9.43 0.70
N PHE A 231 -7.84 -8.85 1.81
CA PHE A 231 -8.64 -8.07 2.73
C PHE A 231 -7.99 -6.76 3.11
N LYS A 232 -8.71 -5.64 2.95
CA LYS A 232 -8.30 -4.38 3.57
C LYS A 232 -8.63 -4.44 5.04
N CYS A 233 -7.61 -4.28 5.84
CA CYS A 233 -7.79 -4.32 7.29
C CYS A 233 -6.63 -3.56 7.96
N ALA A 234 -6.48 -3.70 9.25
CA ALA A 234 -5.32 -3.12 9.96
C ALA A 234 -4.72 -4.10 10.96
N LEU A 235 -3.38 -4.01 11.11
CA LEU A 235 -2.59 -4.89 11.99
C LEU A 235 -2.10 -4.11 13.22
N GLY A 236 -2.19 -4.72 14.39
CA GLY A 236 -1.57 -4.21 15.60
C GLY A 236 -2.56 -3.96 16.70
N SER A 237 -2.02 -3.91 17.92
CA SER A 237 -2.78 -3.67 19.15
C SER A 237 -2.55 -2.30 19.72
N SER A 238 -1.47 -1.63 19.39
CA SER A 238 -1.25 -0.26 19.96
C SER A 238 -1.22 0.71 18.83
N TRP A 239 -0.19 0.59 18.02
CA TRP A 239 -0.09 1.33 16.80
C TRP A 239 -0.84 0.42 15.78
N ILE A 240 -1.81 0.99 15.10
CA ILE A 240 -2.66 0.26 14.13
C ILE A 240 -2.18 0.73 12.76
N ILE A 241 -1.69 -0.18 11.93
CA ILE A 241 -1.29 0.13 10.57
C ILE A 241 -2.23 -0.47 9.50
N SER A 242 -2.84 0.36 8.63
CA SER A 242 -3.72 -0.17 7.57
C SER A 242 -2.93 -0.97 6.58
N VAL A 243 -3.42 -2.13 6.21
CA VAL A 243 -2.76 -3.00 5.27
C VAL A 243 -3.75 -3.68 4.32
N GLU A 244 -3.23 -4.31 3.30
CA GLU A 244 -4.00 -5.30 2.57
C GLU A 244 -3.39 -6.68 2.78
N LEU A 245 -4.12 -7.59 3.44
CA LEU A 245 -3.68 -8.95 3.66
C LEU A 245 -3.99 -9.79 2.46
N ALA A 246 -3.09 -10.69 2.11
CA ALA A 246 -3.24 -11.63 1.03
C ALA A 246 -3.08 -12.99 1.67
N ILE A 247 -4.15 -13.79 1.62
CA ILE A 247 -4.25 -15.08 2.28
C ILE A 247 -4.50 -16.18 1.25
N GLY A 248 -3.63 -17.19 1.22
CA GLY A 248 -3.74 -18.26 0.24
C GLY A 248 -2.67 -19.28 0.49
N PRO A 249 -2.68 -20.37 -0.27
CA PRO A 249 -1.74 -21.46 -0.07
C PRO A 249 -0.28 -21.04 -0.31
N GLU A 250 0.03 -20.21 -1.29
CA GLU A 250 1.43 -19.76 -1.47
C GLU A 250 1.81 -18.61 -0.50
N GLU A 251 0.88 -17.78 -0.04
CA GLU A 251 1.22 -16.62 0.77
C GLU A 251 1.22 -16.97 2.26
N GLY A 252 0.54 -18.07 2.64
CA GLY A 252 0.03 -18.21 4.03
C GLY A 252 -0.75 -16.97 4.38
N ILE A 253 -0.38 -16.29 5.47
CA ILE A 253 -0.86 -14.97 5.74
C ILE A 253 0.26 -14.00 5.42
N SER A 254 -0.03 -13.08 4.48
CA SER A 254 0.92 -12.08 4.03
CA SER A 254 0.93 -12.09 4.03
C SER A 254 0.27 -10.74 3.92
N TYR A 255 1.09 -9.69 3.75
CA TYR A 255 0.56 -8.35 3.47
C TYR A 255 1.19 -7.80 2.23
N LEU A 256 0.47 -6.90 1.56
CA LEU A 256 0.95 -6.38 0.27
C LEU A 256 1.66 -5.03 0.52
N THR A 257 2.61 -4.73 -0.32
CA THR A 257 3.26 -3.40 -0.31
C THR A 257 2.98 -2.76 -1.68
N ASP A 258 3.93 -2.81 -2.61
CA ASP A 258 3.79 -2.08 -3.91
C ASP A 258 2.98 -2.93 -4.91
N LYS A 259 2.15 -2.27 -5.74
CA LYS A 259 1.43 -2.98 -6.82
C LYS A 259 2.42 -3.92 -7.57
N GLY A 260 2.10 -5.22 -7.62
CA GLY A 260 2.92 -6.21 -8.33
C GLY A 260 4.14 -6.75 -7.62
N ALA A 261 4.53 -6.17 -6.48
CA ALA A 261 5.61 -6.73 -5.64
C ALA A 261 5.14 -8.03 -4.97
N ASN A 262 6.05 -8.98 -4.76
CA ASN A 262 5.77 -10.21 -4.00
C ASN A 262 5.18 -9.75 -2.62
N PRO A 263 4.09 -10.35 -2.16
CA PRO A 263 3.57 -10.08 -0.77
C PRO A 263 4.64 -10.35 0.29
N THR A 264 4.56 -9.68 1.44
CA THR A 264 5.50 -9.92 2.53
C THR A 264 4.87 -10.91 3.53
N HIS A 265 5.58 -12.01 3.77
CA HIS A 265 5.10 -13.07 4.62
C HIS A 265 4.95 -12.61 6.07
N LEU A 266 3.87 -13.04 6.72
CA LEU A 266 3.65 -12.82 8.16
C LEU A 266 3.70 -14.13 8.89
N ALA A 267 2.96 -15.13 8.45
CA ALA A 267 2.88 -16.40 9.16
C ALA A 267 2.41 -17.49 8.25
N ASP A 268 2.81 -18.74 8.50
CA ASP A 268 2.20 -19.91 7.87
C ASP A 268 0.99 -20.37 8.63
N PHE A 269 0.04 -20.97 7.91
CA PHE A 269 -1.22 -21.45 8.54
C PHE A 269 -0.90 -22.43 9.67
N ASN A 270 0.15 -23.20 9.50
CA ASN A 270 0.44 -24.25 10.46
C ASN A 270 1.11 -23.69 11.72
N GLN A 271 1.37 -22.37 11.79
CA GLN A 271 1.84 -21.76 13.02
C GLN A 271 0.73 -21.12 13.80
N VAL A 272 -0.51 -21.10 13.28
CA VAL A 272 -1.58 -20.48 13.99
C VAL A 272 -2.06 -21.46 15.04
N GLN A 273 -2.07 -21.06 16.30
CA GLN A 273 -2.46 -21.90 17.38
C GLN A 273 -3.89 -21.67 17.79
N THR A 274 -4.30 -20.41 17.95
CA THR A 274 -5.66 -20.12 18.35
C THR A 274 -6.14 -18.88 17.60
N ILE A 275 -7.45 -18.70 17.53
CA ILE A 275 -8.08 -17.58 16.91
C ILE A 275 -9.11 -17.16 17.89
N GLN A 276 -9.03 -15.90 18.31
CA GLN A 276 -10.02 -15.33 19.22
CA GLN A 276 -9.99 -15.30 19.24
C GLN A 276 -10.62 -14.04 18.57
N TYR A 277 -11.92 -14.01 18.54
CA TYR A 277 -12.75 -12.99 17.92
C TYR A 277 -13.20 -12.07 19.07
N SER A 278 -13.16 -10.78 18.80
CA SER A 278 -13.73 -9.76 19.72
C SER A 278 -14.35 -8.55 18.97
N ASN A 279 -15.11 -7.77 19.74
CA ASN A 279 -15.75 -6.57 19.20
C ASN A 279 -15.35 -5.46 20.13
N SER A 280 -14.95 -4.33 19.55
CA SER A 280 -14.75 -3.12 20.34
C SER A 280 -16.13 -2.72 20.94
N GLU A 281 -16.17 -1.95 22.03
CA GLU A 281 -17.47 -1.52 22.62
C GLU A 281 -18.00 -0.18 22.04
N ASP A 282 -17.54 0.21 20.85
CA ASP A 282 -18.00 1.47 20.25
C ASP A 282 -19.42 1.31 19.73
N LYS A 283 -20.11 2.45 19.59
CA LYS A 283 -21.46 2.50 19.04
C LYS A 283 -21.42 1.80 17.65
N ASP A 284 -20.47 2.20 16.79
CA ASP A 284 -20.13 1.41 15.59
C ASP A 284 -19.02 0.39 15.99
N ARG A 285 -19.44 -0.79 16.47
CA ARG A 285 -18.54 -1.86 16.98
C ARG A 285 -17.57 -2.33 15.86
N LYS A 286 -16.29 -2.47 16.23
CA LYS A 286 -15.24 -2.98 15.30
C LYS A 286 -15.05 -4.48 15.56
N GLY A 287 -14.75 -5.21 14.50
CA GLY A 287 -14.42 -6.63 14.54
C GLY A 287 -12.94 -6.86 14.59
N MET A 288 -12.49 -7.56 15.61
CA MET A 288 -11.08 -7.83 15.78
CA MET A 288 -11.07 -7.84 15.85
C MET A 288 -10.80 -9.35 15.95
N LEU A 289 -9.70 -9.80 15.37
CA LEU A 289 -9.21 -11.15 15.46
C LEU A 289 -7.80 -11.11 16.04
N GLN A 290 -7.57 -11.90 17.10
CA GLN A 290 -6.22 -12.18 17.57
C GLN A 290 -5.74 -13.58 17.27
N LEU A 291 -4.59 -13.68 16.60
CA LEU A 291 -4.08 -14.93 16.18
C LEU A 291 -2.83 -15.20 17.02
N LYS A 292 -2.88 -16.22 17.89
CA LYS A 292 -1.67 -16.60 18.62
C LYS A 292 -0.86 -17.49 17.69
N ILE A 293 0.37 -17.09 17.43
CA ILE A 293 1.27 -17.68 16.46
C ILE A 293 2.45 -18.37 17.17
N ALA A 294 2.68 -19.64 16.85
CA ALA A 294 3.76 -20.46 17.45
C ALA A 294 5.06 -19.73 17.25
N GLY A 295 5.78 -19.49 18.31
CA GLY A 295 7.10 -18.85 18.20
C GLY A 295 7.08 -17.34 18.30
N ALA A 296 5.89 -16.73 18.40
CA ALA A 296 5.78 -15.27 18.53
C ALA A 296 5.08 -15.00 19.87
N PRO A 297 5.74 -14.21 20.70
CA PRO A 297 5.15 -13.92 21.98
C PRO A 297 3.93 -13.04 21.90
N GLU A 298 3.88 -12.11 20.95
CA GLU A 298 2.72 -11.25 20.79
C GLU A 298 1.75 -11.86 19.74
N PRO A 299 0.47 -11.81 20.01
CA PRO A 299 -0.53 -12.19 18.99
C PRO A 299 -0.52 -11.29 17.75
N LEU A 300 -0.89 -11.81 16.58
CA LEU A 300 -1.10 -10.95 15.41
C LEU A 300 -2.52 -10.45 15.54
N THR A 301 -2.69 -9.15 15.66
CA THR A 301 -4.01 -8.57 15.87
C THR A 301 -4.51 -7.89 14.58
N VAL A 302 -5.69 -8.30 14.14
CA VAL A 302 -6.24 -7.82 12.89
C VAL A 302 -7.53 -7.13 13.22
N THR A 303 -7.71 -5.90 12.74
CA THR A 303 -8.99 -5.16 12.96
C THR A 303 -9.61 -5.02 11.59
N ALA A 304 -10.84 -5.50 11.42
CA ALA A 304 -11.47 -5.55 10.11
C ALA A 304 -12.39 -4.33 10.03
N PRO A 305 -12.76 -3.87 8.83
CA PRO A 305 -13.65 -2.69 8.77
C PRO A 305 -15.09 -2.93 9.23
N SER A 306 -15.53 -4.19 9.35
CA SER A 306 -16.85 -4.53 9.84
C SER A 306 -16.79 -5.90 10.47
N LEU A 307 -17.84 -6.21 11.21
CA LEU A 307 -17.99 -7.50 11.83
C LEU A 307 -18.16 -8.59 10.77
N THR A 308 -18.79 -8.26 9.65
CA THR A 308 -19.04 -9.23 8.55
C THR A 308 -17.70 -9.62 8.02
N ILE A 309 -16.86 -8.62 7.76
CA ILE A 309 -15.52 -8.88 7.26
C ILE A 309 -14.66 -9.71 8.26
N ALA A 310 -14.71 -9.35 9.53
CA ALA A 310 -13.97 -10.10 10.54
C ALA A 310 -14.43 -11.57 10.61
N GLU A 311 -15.73 -11.79 10.58
CA GLU A 311 -16.33 -13.17 10.52
C GLU A 311 -15.89 -13.91 9.25
N ASN A 312 -15.87 -13.21 8.13
CA ASN A 312 -15.39 -13.87 6.87
C ASN A 312 -13.91 -14.21 6.94
N MET A 313 -13.12 -13.36 7.60
CA MET A 313 -11.70 -13.62 7.73
C MET A 313 -11.43 -14.78 8.70
N ALA A 314 -12.17 -14.78 9.78
CA ALA A 314 -12.11 -15.90 10.77
C ALA A 314 -12.43 -17.24 10.10
N ASP A 315 -13.46 -17.27 9.25
CA ASP A 315 -13.79 -18.50 8.54
C ASP A 315 -12.63 -18.93 7.69
N LEU A 316 -12.01 -17.99 7.01
CA LEU A 316 -10.95 -18.33 6.11
C LEU A 316 -9.74 -18.89 6.86
N ILE A 317 -9.34 -18.13 7.87
CA ILE A 317 -8.15 -18.53 8.64
C ILE A 317 -8.39 -19.87 9.37
N ASP A 318 -9.55 -19.99 10.01
CA ASP A 318 -9.89 -21.30 10.66
C ASP A 318 -9.97 -22.45 9.68
N GLY A 319 -10.54 -22.19 8.50
CA GLY A 319 -10.56 -23.24 7.47
C GLY A 319 -9.19 -23.73 7.09
N TYR A 320 -8.26 -22.79 6.90
CA TYR A 320 -6.87 -23.16 6.64
C TYR A 320 -6.23 -23.87 7.84
N CYS A 321 -6.49 -23.43 9.07
CA CYS A 321 -5.94 -24.19 10.23
C CYS A 321 -6.41 -25.63 10.24
N ARG A 322 -7.72 -25.85 10.06
CA ARG A 322 -8.27 -27.22 9.97
C ARG A 322 -7.63 -28.01 8.85
N LEU A 323 -7.43 -27.37 7.70
CA LEU A 323 -6.90 -28.05 6.53
C LEU A 323 -5.47 -28.47 6.73
N VAL A 324 -4.58 -27.57 7.14
CA VAL A 324 -3.18 -27.93 7.26
C VAL A 324 -2.90 -28.89 8.43
N ASN A 325 -3.72 -28.91 9.47
CA ASN A 325 -3.49 -29.80 10.58
C ASN A 325 -4.28 -31.11 10.44
N GLY A 326 -5.07 -31.29 9.38
CA GLY A 326 -5.93 -32.45 9.26
C GLY A 326 -6.92 -32.58 10.41
N ALA A 327 -7.45 -31.47 10.89
CA ALA A 327 -8.34 -31.47 12.01
C ALA A 327 -9.73 -31.19 11.46
N THR A 328 -10.72 -31.71 12.14
CA THR A 328 -12.12 -31.46 11.81
C THR A 328 -12.70 -30.42 12.77
N GLN A 329 -12.05 -30.20 13.91
CA GLN A 329 -12.53 -29.24 14.84
C GLN A 329 -11.92 -27.82 14.59
N SER A 330 -12.68 -26.78 14.94
CA SER A 330 -12.27 -25.37 14.87
C SER A 330 -11.17 -25.00 15.89
N PHE A 331 -10.32 -24.08 15.47
CA PHE A 331 -9.28 -23.49 16.34
C PHE A 331 -9.73 -22.22 16.94
N ILE A 332 -10.99 -21.83 16.72
CA ILE A 332 -11.50 -20.61 17.31
C ILE A 332 -11.84 -20.91 18.77
N ILE A 333 -11.38 -20.07 19.69
CA ILE A 333 -11.61 -20.30 21.07
C ILE A 333 -12.75 -19.45 21.63
N ARG A 334 -13.33 -19.95 22.73
CA ARG A 334 -14.57 -19.43 23.30
C ARG A 334 -14.27 -18.09 23.98
N PRO A 335 -15.18 -17.11 23.83
CA PRO A 335 -15.06 -15.87 24.55
C PRO A 335 -15.15 -16.12 26.07
N GLN A 336 -14.33 -15.41 26.81
CA GLN A 336 -14.31 -15.47 28.29
C GLN A 336 -14.30 -14.04 28.93
N LYS A 337 -13.53 -13.11 28.37
CA LYS A 337 -13.41 -11.70 28.86
C LYS A 337 -14.42 -10.72 28.22
N GLU A 338 -14.61 -9.57 28.85
CA GLU A 338 -15.37 -8.42 28.31
C GLU A 338 -15.08 -8.14 26.81
N GLY A 339 -16.11 -8.10 25.97
CA GLY A 339 -15.93 -7.80 24.53
C GLY A 339 -15.49 -8.95 23.60
N GLU A 340 -15.12 -10.12 24.19
CA GLU A 340 -14.94 -11.31 23.41
C GLU A 340 -16.30 -11.83 22.87
N ARG A 341 -16.20 -12.40 21.69
CA ARG A 341 -17.33 -13.00 20.96
C ARG A 341 -17.04 -14.38 20.33
N ALA A 342 -18.09 -15.18 20.25
CA ALA A 342 -18.14 -16.31 19.35
C ALA A 342 -18.65 -15.77 18.01
N LEU A 343 -18.30 -16.49 16.95
CA LEU A 343 -19.01 -16.34 15.67
C LEU A 343 -20.51 -16.64 15.88
N PRO A 344 -21.38 -15.88 15.20
CA PRO A 344 -22.85 -15.98 15.48
C PRO A 344 -23.45 -17.26 14.94
N SER A 345 -24.66 -17.59 15.43
CA SER A 345 -25.49 -18.71 14.91
C SER A 345 -25.01 -20.14 15.23
N ILE A 346 -23.95 -20.29 16.04
CA ILE A 346 -23.53 -21.64 16.54
C ILE A 346 -24.59 -22.12 17.58
N PRO A 347 -25.14 -23.37 17.44
CA PRO A 347 -26.13 -23.78 18.47
C PRO A 347 -25.55 -23.79 19.91
N LYS A 348 -26.38 -23.41 20.89
CA LYS A 348 -25.95 -23.21 22.29
C LYS A 348 -26.35 -24.37 23.25
N VAL A 364 -33.33 -44.08 11.49
CA VAL A 364 -31.99 -43.69 11.07
C VAL A 364 -31.92 -42.24 10.52
N SER A 365 -33.01 -41.71 9.98
CA SER A 365 -33.05 -40.33 9.43
C SER A 365 -34.18 -39.49 10.02
N GLU A 366 -34.66 -39.88 11.21
CA GLU A 366 -35.59 -39.06 11.99
C GLU A 366 -34.85 -38.11 12.93
N THR A 367 -33.51 -38.09 12.97
CA THR A 367 -32.81 -37.14 13.87
C THR A 367 -32.76 -35.73 13.35
N ASP A 368 -32.74 -34.77 14.25
CA ASP A 368 -32.96 -33.38 13.92
C ASP A 368 -31.74 -32.67 13.29
N ASP A 369 -30.62 -33.37 13.09
CA ASP A 369 -29.53 -32.86 12.23
C ASP A 369 -29.50 -33.50 10.81
N TYR A 370 -30.48 -34.34 10.46
CA TYR A 370 -30.52 -35.03 9.13
C TYR A 370 -30.45 -34.02 8.00
N ALA A 371 -29.77 -34.37 6.93
CA ALA A 371 -29.77 -33.58 5.72
C ALA A 371 -30.04 -34.58 4.63
N GLU A 372 -31.02 -34.30 3.78
CA GLU A 372 -31.29 -35.21 2.68
C GLU A 372 -31.44 -34.48 1.40
N ILE A 373 -30.79 -35.00 0.38
CA ILE A 373 -30.89 -34.37 -0.94
C ILE A 373 -32.18 -34.85 -1.59
N ILE A 374 -32.97 -33.94 -2.05
CA ILE A 374 -34.13 -34.24 -2.82
C ILE A 374 -33.80 -34.12 -4.33
N ASP A 375 -33.55 -35.24 -4.96
CA ASP A 375 -33.11 -35.23 -6.35
C ASP A 375 -34.28 -34.93 -7.31
N GLU B 7 42.33 27.07 14.60
CA GLU B 7 41.07 27.64 14.02
C GLU B 7 40.84 27.08 12.62
N ARG B 8 39.99 26.07 12.51
CA ARG B 8 39.58 25.57 11.21
C ARG B 8 38.72 26.60 10.41
N VAL B 9 38.56 26.35 9.12
CA VAL B 9 37.73 27.26 8.29
C VAL B 9 36.72 26.40 7.51
N LEU B 10 35.44 26.73 7.56
CA LEU B 10 34.39 25.94 6.92
C LEU B 10 33.57 26.81 6.00
N LYS B 11 33.45 26.36 4.77
CA LYS B 11 32.59 26.96 3.78
C LYS B 11 31.17 26.35 3.85
N VAL B 12 30.20 27.19 4.14
CA VAL B 12 28.81 26.76 4.22
C VAL B 12 27.94 27.48 3.19
N PHE B 13 27.45 26.70 2.21
CA PHE B 13 26.53 27.21 1.17
C PHE B 13 25.19 27.49 1.80
N HIS B 14 24.53 28.54 1.31
CA HIS B 14 23.25 28.98 1.84
C HIS B 14 22.43 29.67 0.77
N TYR B 15 21.24 30.16 1.16
CA TYR B 15 20.22 30.66 0.23
C TYR B 15 19.84 32.09 0.61
N PHE B 16 20.75 32.76 1.32
CA PHE B 16 20.64 34.21 1.52
C PHE B 16 21.15 34.94 0.24
N GLU B 17 20.18 35.52 -0.48
CA GLU B 17 20.43 36.07 -1.83
C GLU B 17 21.50 37.13 -1.79
N ASN B 18 22.25 37.18 -2.89
CA ASN B 18 23.38 38.04 -3.07
C ASN B 18 23.35 38.64 -4.50
N SER B 19 24.17 39.65 -4.77
CA SER B 19 24.38 40.12 -6.17
C SER B 19 25.38 39.22 -6.96
N SER B 20 25.79 38.09 -6.41
CA SER B 20 26.57 37.03 -7.06
C SER B 20 25.72 35.98 -7.82
N GLU B 21 26.40 35.05 -8.50
CA GLU B 21 25.78 33.85 -9.07
C GLU B 21 25.29 32.97 -7.90
N PRO B 22 24.02 32.46 -7.93
CA PRO B 22 23.52 31.58 -6.81
C PRO B 22 24.45 30.45 -6.34
N THR B 23 25.03 29.74 -7.31
CA THR B 23 26.20 28.87 -7.17
C THR B 23 27.00 29.12 -5.90
N THR B 24 27.65 30.29 -5.78
CA THR B 24 28.52 30.55 -4.61
C THR B 24 27.89 31.57 -3.67
N TRP B 25 26.60 31.39 -3.36
CA TRP B 25 26.05 31.96 -2.10
C TRP B 25 26.52 31.04 -0.95
N ALA B 26 27.38 31.59 -0.10
CA ALA B 26 28.11 30.80 0.87
C ALA B 26 28.68 31.72 1.90
N SER B 27 28.89 31.22 3.10
CA SER B 27 29.63 31.99 4.08
C SER B 27 30.83 31.19 4.50
N ILE B 28 31.91 31.90 4.84
CA ILE B 28 33.13 31.26 5.27
C ILE B 28 33.22 31.41 6.78
N ILE B 29 33.31 30.32 7.53
CA ILE B 29 33.26 30.41 8.97
C ILE B 29 34.55 29.92 9.59
N ARG B 30 35.13 30.75 10.44
CA ARG B 30 36.28 30.38 11.25
C ARG B 30 35.64 29.79 12.51
N HIS B 31 35.99 28.56 12.84
CA HIS B 31 35.64 28.01 14.12
C HIS B 31 36.82 27.33 14.84
N GLY B 32 36.55 26.88 16.05
CA GLY B 32 37.42 25.98 16.81
C GLY B 32 36.95 24.56 17.04
N ASP B 33 37.73 23.87 17.85
CA ASP B 33 37.56 22.46 18.12
C ASP B 33 36.43 22.13 19.06
N ALA B 34 35.76 23.12 19.66
CA ALA B 34 34.52 22.85 20.44
C ALA B 34 33.29 23.54 19.82
N THR B 35 33.44 24.27 18.72
CA THR B 35 32.25 24.83 18.07
C THR B 35 31.34 23.69 17.63
N ASP B 36 30.03 23.82 17.84
CA ASP B 36 29.08 22.81 17.40
C ASP B 36 28.24 23.31 16.23
N VAL B 37 27.47 22.41 15.63
CA VAL B 37 26.68 22.74 14.49
C VAL B 37 25.73 23.89 14.82
N ARG B 38 25.15 23.82 16.01
CA ARG B 38 24.22 24.87 16.48
C ARG B 38 24.91 26.24 16.40
N GLY B 39 26.20 26.29 16.75
CA GLY B 39 26.97 27.56 16.67
C GLY B 39 27.17 28.09 15.27
N ILE B 40 27.41 27.21 14.32
CA ILE B 40 27.59 27.60 12.94
C ILE B 40 26.24 28.14 12.42
N ILE B 41 25.17 27.42 12.66
CA ILE B 41 23.85 27.84 12.14
C ILE B 41 23.51 29.22 12.79
N GLN B 42 23.69 29.32 14.09
CA GLN B 42 23.39 30.58 14.82
C GLN B 42 24.15 31.78 14.23
N LYS B 43 25.48 31.64 14.08
CA LYS B 43 26.29 32.66 13.44
C LYS B 43 25.69 33.13 12.11
N ILE B 44 25.30 32.19 11.25
CA ILE B 44 24.92 32.57 9.89
C ILE B 44 23.58 33.25 9.93
N VAL B 45 22.63 32.63 10.61
CA VAL B 45 21.29 33.16 10.54
C VAL B 45 21.20 34.52 11.27
N ASP B 46 21.96 34.66 12.35
CA ASP B 46 22.01 35.94 13.09
C ASP B 46 22.57 37.07 12.25
N CYS B 47 23.53 36.76 11.41
CA CYS B 47 24.10 37.69 10.53
C CYS B 47 23.06 38.23 9.51
N HIS B 48 21.99 37.51 9.23
CA HIS B 48 20.96 37.98 8.31
C HIS B 48 19.70 38.36 8.99
N LYS B 49 19.77 38.59 10.30
CA LYS B 49 18.66 39.16 11.03
C LYS B 49 17.39 38.25 11.07
N VAL B 50 17.61 36.92 10.97
CA VAL B 50 16.52 35.90 10.96
C VAL B 50 15.85 35.80 12.28
N LYS B 51 14.54 35.73 12.30
CA LYS B 51 13.81 35.44 13.48
C LYS B 51 13.52 33.94 13.70
N ASN B 52 13.30 33.16 12.67
CA ASN B 52 12.87 31.75 12.84
C ASN B 52 14.11 30.83 12.82
N VAL B 53 14.96 31.01 13.78
CA VAL B 53 16.27 30.38 13.84
C VAL B 53 16.13 28.85 14.02
N ALA B 54 15.11 28.41 14.72
CA ALA B 54 14.89 26.99 14.95
C ALA B 54 14.53 26.21 13.68
N CYS B 55 14.28 26.88 12.55
CA CYS B 55 13.83 26.20 11.33
C CYS B 55 15.00 25.60 10.54
N TYR B 56 16.21 26.04 10.85
CA TYR B 56 17.38 25.82 9.99
C TYR B 56 18.19 24.60 10.52
N GLY B 57 18.67 23.79 9.57
CA GLY B 57 19.56 22.65 9.82
C GLY B 57 20.79 22.78 8.92
N LEU B 58 21.72 21.83 9.05
CA LEU B 58 22.95 21.79 8.24
C LEU B 58 23.04 20.41 7.58
N ARG B 59 23.03 20.38 6.24
CA ARG B 59 23.03 19.15 5.49
C ARG B 59 24.38 19.03 4.76
N LEU B 60 24.99 17.91 4.96
CA LEU B 60 26.26 17.58 4.31
C LEU B 60 25.98 16.65 3.15
N SER B 61 26.38 17.05 1.94
CA SER B 61 26.14 16.21 0.74
C SER B 61 27.46 15.72 0.17
N HIS B 62 27.45 14.48 -0.28
CA HIS B 62 28.54 13.94 -1.03
C HIS B 62 28.38 14.33 -2.52
N LEU B 63 29.34 15.01 -3.09
CA LEU B 63 29.15 15.50 -4.44
C LEU B 63 29.22 14.41 -5.51
N GLN B 64 29.76 13.23 -5.20
CA GLN B 64 29.91 12.16 -6.19
C GLN B 64 28.91 11.13 -5.99
N SER B 65 27.84 11.38 -5.26
CA SER B 65 26.83 10.36 -5.11
C SER B 65 25.63 11.05 -4.55
N GLU B 66 24.68 10.25 -4.16
CA GLU B 66 23.46 10.72 -3.51
C GLU B 66 23.51 10.68 -2.00
N GLU B 67 24.66 10.45 -1.39
CA GLU B 67 24.79 10.33 0.05
C GLU B 67 24.49 11.70 0.69
N VAL B 68 23.64 11.71 1.71
CA VAL B 68 23.23 12.93 2.42
C VAL B 68 23.24 12.66 3.90
N HIS B 69 23.75 13.60 4.72
CA HIS B 69 23.83 13.42 6.16
C HIS B 69 23.41 14.74 6.76
N TRP B 70 22.34 14.70 7.54
CA TRP B 70 21.92 15.90 8.28
C TRP B 70 22.72 15.87 9.55
N LEU B 71 23.33 17.00 9.88
CA LEU B 71 24.22 17.11 10.98
C LEU B 71 23.43 17.66 12.19
N HIS B 72 23.33 16.86 13.22
CA HIS B 72 22.62 17.20 14.44
C HIS B 72 23.31 18.42 15.11
N LEU B 73 22.47 19.37 15.55
CA LEU B 73 22.85 20.66 16.19
C LEU B 73 23.95 20.53 17.25
N ASP B 74 23.89 19.45 18.01
CA ASP B 74 24.77 19.21 19.14
C ASP B 74 26.13 18.60 18.78
N MET B 75 26.37 18.19 17.53
CA MET B 75 27.65 17.59 17.13
C MET B 75 28.67 18.66 16.99
N GLY B 76 29.88 18.33 17.40
CA GLY B 76 31.04 19.21 17.20
C GLY B 76 31.44 19.25 15.73
N VAL B 77 31.74 20.44 15.24
CA VAL B 77 32.03 20.60 13.85
C VAL B 77 33.34 19.91 13.44
N SER B 78 34.41 20.12 14.20
CA SER B 78 35.69 19.44 13.86
C SER B 78 35.48 17.96 14.00
N ASN B 79 34.72 17.49 15.00
CA ASN B 79 34.44 16.05 15.06
C ASN B 79 33.77 15.51 13.83
N VAL B 80 32.75 16.21 13.32
CA VAL B 80 31.93 15.75 12.18
CA VAL B 80 31.98 15.62 12.21
C VAL B 80 32.79 15.75 10.95
N ARG B 81 33.49 16.85 10.77
CA ARG B 81 34.34 16.95 9.58
C ARG B 81 35.38 15.82 9.54
N GLU B 82 35.95 15.56 10.71
CA GLU B 82 36.98 14.56 10.82
C GLU B 82 36.45 13.19 10.48
N LYS B 83 35.22 12.93 10.91
CA LYS B 83 34.61 11.64 10.64
C LYS B 83 34.29 11.41 9.18
N PHE B 84 33.69 12.41 8.53
CA PHE B 84 33.30 12.23 7.15
C PHE B 84 34.52 12.24 6.24
N GLU B 85 35.61 12.88 6.67
CA GLU B 85 36.85 12.87 5.87
C GLU B 85 37.50 11.48 5.94
N LEU B 86 37.03 10.59 6.83
CA LEU B 86 37.42 9.18 6.75
C LEU B 86 36.78 8.47 5.59
N ALA B 87 35.61 8.95 5.15
CA ALA B 87 34.83 8.25 4.11
C ALA B 87 35.13 8.81 2.76
N HIS B 88 35.35 10.14 2.64
CA HIS B 88 35.67 10.71 1.36
C HIS B 88 36.42 11.93 1.60
N PRO B 89 37.21 12.35 0.63
CA PRO B 89 38.09 13.46 0.92
C PRO B 89 37.35 14.76 0.85
N PRO B 90 37.93 15.83 1.41
CA PRO B 90 37.26 17.15 1.63
C PRO B 90 36.61 17.77 0.42
N GLU B 91 37.31 17.70 -0.72
CA GLU B 91 36.79 18.25 -1.96
C GLU B 91 35.54 17.50 -2.49
N GLU B 92 35.22 16.33 -1.93
CA GLU B 92 33.96 15.67 -2.30
C GLU B 92 32.73 16.04 -1.40
N TRP B 93 32.91 17.01 -0.47
CA TRP B 93 31.85 17.30 0.52
C TRP B 93 31.33 18.68 0.30
N LYS B 94 30.02 18.85 0.41
CA LYS B 94 29.41 20.16 0.44
C LYS B 94 28.57 20.32 1.70
N TYR B 95 28.84 21.38 2.46
CA TYR B 95 28.06 21.73 3.65
C TYR B 95 27.09 22.82 3.29
N GLU B 96 25.82 22.58 3.64
CA GLU B 96 24.74 23.43 3.20
C GLU B 96 23.75 23.73 4.26
N LEU B 97 23.61 25.00 4.57
CA LEU B 97 22.56 25.47 5.47
C LEU B 97 21.20 25.38 4.73
N ARG B 98 20.21 24.88 5.40
CA ARG B 98 18.86 24.65 4.81
C ARG B 98 17.79 24.80 5.86
N ILE B 99 16.59 25.17 5.41
CA ILE B 99 15.43 25.15 6.25
C ILE B 99 14.87 23.72 6.15
N ARG B 100 14.68 23.09 7.32
CA ARG B 100 14.19 21.73 7.40
C ARG B 100 12.94 21.59 8.28
N TYR B 101 12.76 22.43 9.31
CA TYR B 101 11.75 22.18 10.37
C TYR B 101 10.75 23.31 10.26
N LEU B 102 9.66 23.03 9.57
CA LEU B 102 8.66 24.05 9.15
C LEU B 102 7.58 24.20 10.26
N PRO B 103 7.34 25.44 10.76
CA PRO B 103 6.17 25.72 11.63
C PRO B 103 4.88 25.40 10.90
N LYS B 104 3.85 24.99 11.62
CA LYS B 104 2.51 24.97 11.03
C LYS B 104 2.20 26.36 10.47
N GLY B 105 1.62 26.39 9.28
CA GLY B 105 1.35 27.67 8.61
C GLY B 105 2.59 28.41 8.24
N PHE B 106 3.54 27.66 7.68
CA PHE B 106 4.93 28.22 7.57
C PHE B 106 5.00 29.43 6.64
N LEU B 107 4.25 29.45 5.57
CA LEU B 107 4.39 30.60 4.63
C LEU B 107 3.92 31.89 5.25
N ASN B 108 2.77 31.79 5.90
CA ASN B 108 2.23 32.85 6.75
C ASN B 108 3.21 33.33 7.77
N GLN B 109 3.82 32.39 8.54
CA GLN B 109 4.79 32.78 9.56
C GLN B 109 5.96 33.44 8.89
N PHE B 110 6.43 32.90 7.76
CA PHE B 110 7.62 33.43 7.16
C PHE B 110 7.42 34.81 6.53
N THR B 111 6.19 35.20 6.21
CA THR B 111 5.98 36.52 5.65
C THR B 111 6.33 37.59 6.69
N GLU B 112 6.31 37.24 7.98
CA GLU B 112 6.75 38.14 9.05
C GLU B 112 8.24 38.04 9.28
N ASP B 113 8.97 37.26 8.47
CA ASP B 113 10.42 37.08 8.66
C ASP B 113 10.97 37.01 7.29
N LYS B 114 11.00 38.17 6.64
CA LYS B 114 11.50 38.30 5.28
C LYS B 114 12.78 37.58 4.87
N PRO B 115 13.84 37.65 5.66
CA PRO B 115 15.03 36.87 5.22
C PRO B 115 14.77 35.31 5.09
N THR B 116 13.92 34.80 5.98
CA THR B 116 13.56 33.38 5.98
C THR B 116 12.63 33.05 4.81
N LEU B 117 11.64 33.90 4.59
CA LEU B 117 10.82 33.77 3.37
C LEU B 117 11.65 33.70 2.12
N ASN B 118 12.57 34.63 1.97
CA ASN B 118 13.42 34.67 0.79
C ASN B 118 14.40 33.49 0.75
N PHE B 119 14.96 33.13 1.90
CA PHE B 119 15.78 31.89 1.97
C PHE B 119 14.98 30.67 1.51
N PHE B 120 13.77 30.50 2.04
CA PHE B 120 12.97 29.34 1.75
C PHE B 120 12.62 29.29 0.25
N TYR B 121 12.24 30.44 -0.28
CA TYR B 121 11.99 30.61 -1.72
C TYR B 121 13.19 30.13 -2.54
N GLN B 122 14.35 30.68 -2.29
CA GLN B 122 15.54 30.31 -3.07
C GLN B 122 15.85 28.82 -2.96
N GLN B 123 15.69 28.30 -1.73
CA GLN B 123 15.98 26.87 -1.48
C GLN B 123 15.04 25.97 -2.28
N VAL B 124 13.74 26.24 -2.17
CA VAL B 124 12.75 25.46 -2.85
C VAL B 124 12.84 25.66 -4.38
N LYS B 125 13.04 26.88 -4.83
CA LYS B 125 13.26 27.11 -6.24
C LYS B 125 14.42 26.33 -6.79
N ASN B 126 15.54 26.31 -6.05
CA ASN B 126 16.69 25.57 -6.48
C ASN B 126 16.35 24.09 -6.57
N ASP B 127 15.67 23.53 -5.56
CA ASP B 127 15.26 22.12 -5.64
C ASP B 127 14.37 21.87 -6.84
N TYR B 128 13.44 22.78 -7.09
CA TYR B 128 12.55 22.68 -8.27
C TYR B 128 13.37 22.67 -9.58
N MET B 129 14.29 23.61 -9.73
CA MET B 129 15.10 23.66 -10.97
C MET B 129 15.99 22.41 -11.11
N LEU B 130 16.51 21.86 -10.02
CA LEU B 130 17.40 20.74 -10.14
C LEU B 130 16.64 19.46 -10.42
N GLU B 131 15.50 19.27 -9.78
CA GLU B 131 14.80 17.98 -9.76
C GLU B 131 13.55 17.89 -10.63
N ILE B 132 12.80 18.97 -10.77
CA ILE B 132 11.40 18.87 -11.21
C ILE B 132 11.03 19.64 -12.49
N ALA B 133 11.67 20.79 -12.72
CA ALA B 133 11.23 21.69 -13.76
C ALA B 133 11.18 20.98 -15.11
N ASP B 134 12.06 20.00 -15.29
CA ASP B 134 12.25 19.29 -16.53
C ASP B 134 11.03 18.50 -16.94
N GLN B 135 10.37 17.85 -15.99
CA GLN B 135 9.18 17.06 -16.28
C GLN B 135 7.85 17.75 -15.97
N VAL B 136 7.85 18.91 -15.32
CA VAL B 136 6.58 19.57 -14.95
C VAL B 136 5.74 20.11 -16.17
N ASP B 137 4.42 20.13 -16.03
CA ASP B 137 3.57 20.78 -17.02
C ASP B 137 4.18 22.13 -17.45
N GLN B 138 4.30 22.33 -18.76
CA GLN B 138 5.13 23.39 -19.26
C GLN B 138 4.50 24.74 -19.04
N GLU B 139 3.18 24.77 -18.78
CA GLU B 139 2.54 26.02 -18.42
C GLU B 139 2.94 26.46 -17.01
N ILE B 140 3.14 25.46 -16.16
CA ILE B 140 3.65 25.68 -14.80
C ILE B 140 5.07 26.24 -14.91
N ALA B 141 5.96 25.54 -15.64
CA ALA B 141 7.36 26.01 -15.86
C ALA B 141 7.39 27.38 -16.38
N LEU B 142 6.44 27.69 -17.28
CA LEU B 142 6.39 29.04 -17.80
C LEU B 142 6.05 30.04 -16.73
N LYS B 143 4.93 29.79 -16.05
CA LYS B 143 4.51 30.72 -15.00
C LYS B 143 5.59 30.87 -13.89
N LEU B 144 6.18 29.74 -13.48
CA LEU B 144 7.18 29.79 -12.38
C LEU B 144 8.37 30.61 -12.81
N GLY B 145 8.87 30.34 -14.01
CA GLY B 145 9.98 31.16 -14.53
C GLY B 145 9.63 32.61 -14.67
N CYS B 146 8.36 32.94 -15.02
CA CYS B 146 7.93 34.36 -15.12
C CYS B 146 7.76 35.05 -13.80
N LEU B 147 7.31 34.30 -12.78
CA LEU B 147 7.32 34.80 -11.38
C LEU B 147 8.74 35.20 -10.90
N GLU B 148 9.74 34.43 -11.29
CA GLU B 148 11.08 34.75 -10.79
C GLU B 148 11.66 35.99 -11.53
N ILE B 149 11.34 36.09 -12.83
CA ILE B 149 11.68 37.31 -13.58
C ILE B 149 11.04 38.53 -12.88
N ARG B 150 9.73 38.45 -12.59
CA ARG B 150 8.97 39.53 -11.93
C ARG B 150 9.61 39.91 -10.63
N ARG B 151 9.86 38.93 -9.76
CA ARG B 151 10.52 39.19 -8.43
C ARG B 151 11.92 39.81 -8.53
N SER B 152 12.70 39.42 -9.54
CA SER B 152 14.05 39.89 -9.70
C SER B 152 14.22 41.35 -10.10
N TYR B 153 13.19 41.99 -10.66
CA TYR B 153 13.25 43.37 -11.19
C TYR B 153 12.06 44.21 -10.73
N GLY B 154 12.22 45.54 -10.64
CA GLY B 154 11.17 46.43 -10.11
C GLY B 154 11.50 47.91 -10.23
N LEU B 161 4.23 45.17 -19.56
CA LEU B 161 4.97 45.78 -20.68
C LEU B 161 6.42 45.24 -20.70
N GLU B 162 6.92 44.92 -21.90
CA GLU B 162 8.34 44.55 -22.13
C GLU B 162 8.76 44.83 -23.59
N LYS B 163 9.92 45.46 -23.80
CA LYS B 163 10.46 45.70 -25.17
C LYS B 163 11.13 44.44 -25.69
N LYS B 164 11.03 44.18 -27.00
CA LYS B 164 11.80 43.09 -27.66
C LYS B 164 13.32 43.33 -27.50
N SER B 165 13.72 44.61 -27.37
CA SER B 165 15.10 44.99 -27.01
C SER B 165 15.47 44.51 -25.60
N ASN B 166 14.66 44.95 -24.64
CA ASN B 166 14.76 44.63 -23.21
C ASN B 166 14.73 43.11 -22.94
N TYR B 167 13.80 42.41 -23.60
CA TYR B 167 13.73 40.93 -23.66
C TYR B 167 15.06 40.29 -24.12
N GLU B 168 15.68 40.87 -25.15
CA GLU B 168 17.01 40.43 -25.61
C GLU B 168 18.06 40.59 -24.48
N VAL B 169 17.93 41.62 -23.63
CA VAL B 169 18.76 41.78 -22.40
C VAL B 169 18.79 40.51 -21.53
N LEU B 170 17.62 39.88 -21.41
CA LEU B 170 17.48 38.59 -20.73
C LEU B 170 17.87 37.38 -21.59
N GLU B 171 17.54 37.45 -22.87
CA GLU B 171 17.97 36.42 -23.81
C GLU B 171 19.51 36.39 -23.85
N LYS B 172 20.15 37.58 -23.80
CA LYS B 172 21.60 37.74 -24.10
C LYS B 172 22.51 37.79 -22.87
N ASP B 173 22.28 38.78 -22.01
CA ASP B 173 23.12 39.01 -20.81
C ASP B 173 22.93 37.88 -19.77
N VAL B 174 21.71 37.78 -19.24
CA VAL B 174 21.36 36.94 -18.06
C VAL B 174 21.21 35.46 -18.47
N GLY B 175 20.30 35.20 -19.41
CA GLY B 175 20.04 33.86 -19.93
C GLY B 175 18.73 33.28 -19.44
N LEU B 176 17.89 32.80 -20.36
CA LEU B 176 16.60 32.24 -19.99
C LEU B 176 16.74 30.97 -19.15
N ARG B 177 17.95 30.40 -19.14
CA ARG B 177 18.22 29.17 -18.41
C ARG B 177 18.12 29.37 -16.89
N ARG B 178 18.31 30.61 -16.46
CA ARG B 178 18.15 30.99 -15.08
C ARG B 178 16.72 30.83 -14.59
N PHE B 179 15.75 30.86 -15.51
CA PHE B 179 14.33 30.85 -15.19
C PHE B 179 13.57 29.63 -15.63
N PHE B 180 14.06 28.95 -16.70
CA PHE B 180 13.31 27.86 -17.35
C PHE B 180 14.17 26.64 -17.58
N PRO B 181 13.58 25.46 -17.51
CA PRO B 181 14.36 24.28 -17.80
C PRO B 181 14.72 24.15 -19.31
N LYS B 182 15.85 23.47 -19.58
CA LYS B 182 16.36 23.26 -20.97
C LYS B 182 15.26 22.75 -21.88
N SER B 183 14.57 21.70 -21.41
CA SER B 183 13.46 21.09 -22.13
C SER B 183 12.42 22.14 -22.60
N LEU B 184 12.10 23.13 -21.79
CA LEU B 184 11.17 24.17 -22.25
C LEU B 184 11.77 25.06 -23.34
N LEU B 185 13.04 25.37 -23.25
CA LEU B 185 13.67 26.25 -24.24
C LEU B 185 13.97 25.52 -25.56
N ASP B 186 14.13 24.20 -25.49
CA ASP B 186 14.38 23.37 -26.67
C ASP B 186 13.11 22.88 -27.39
N SER B 187 11.99 22.74 -26.67
CA SER B 187 10.69 22.36 -27.25
C SER B 187 9.92 23.46 -28.01
N VAL B 188 10.33 24.72 -27.89
CA VAL B 188 9.55 25.84 -28.41
C VAL B 188 10.43 26.71 -29.30
N LYS B 189 9.93 27.16 -30.45
CA LYS B 189 10.63 28.18 -31.25
C LYS B 189 10.75 29.46 -30.44
N ALA B 190 11.87 30.15 -30.61
CA ALA B 190 12.24 31.27 -29.75
C ALA B 190 11.34 32.52 -29.90
N LYS B 191 10.95 32.85 -31.15
CA LYS B 191 9.99 33.94 -31.40
C LYS B 191 8.70 33.64 -30.60
N THR B 192 8.21 32.40 -30.65
CA THR B 192 7.06 31.94 -29.82
C THR B 192 7.27 32.16 -28.27
N LEU B 193 8.31 31.52 -27.75
CA LEU B 193 8.64 31.64 -26.34
C LEU B 193 8.61 33.11 -25.93
N ARG B 194 9.20 33.99 -26.75
CA ARG B 194 9.24 35.43 -26.44
C ARG B 194 7.85 36.00 -26.25
N LYS B 195 6.91 35.58 -27.09
CA LYS B 195 5.54 36.07 -27.01
C LYS B 195 4.79 35.49 -25.78
N LEU B 196 4.83 34.15 -25.63
CA LEU B 196 4.32 33.42 -24.39
C LEU B 196 4.87 34.01 -23.06
N ILE B 197 6.18 34.26 -23.03
CA ILE B 197 6.81 34.88 -21.87
C ILE B 197 6.23 36.26 -21.64
N GLN B 198 6.13 37.06 -22.70
CA GLN B 198 5.52 38.42 -22.61
C GLN B 198 4.03 38.37 -22.15
N GLN B 199 3.28 37.37 -22.62
CA GLN B 199 1.86 37.25 -22.25
C GLN B 199 1.71 36.88 -20.80
N THR B 200 2.40 35.80 -20.42
CA THR B 200 2.38 35.28 -19.04
C THR B 200 2.80 36.36 -18.09
N PHE B 201 3.90 37.04 -18.41
CA PHE B 201 4.35 38.11 -17.54
C PHE B 201 3.28 39.18 -17.32
N ARG B 202 2.45 39.44 -18.35
CA ARG B 202 1.28 40.36 -18.25
C ARG B 202 0.31 39.97 -17.11
N GLN B 203 0.02 38.66 -16.94
CA GLN B 203 -0.74 38.22 -15.75
C GLN B 203 -0.15 38.63 -14.37
N PHE B 204 1.18 38.71 -14.26
CA PHE B 204 1.88 38.87 -12.97
C PHE B 204 2.60 40.21 -12.78
N ALA B 205 2.42 41.14 -13.71
CA ALA B 205 3.01 42.48 -13.56
C ALA B 205 2.29 43.27 -12.44
N ASN B 206 1.05 42.90 -12.13
CA ASN B 206 0.37 43.40 -10.89
C ASN B 206 1.13 43.04 -9.59
N LEU B 207 1.46 41.75 -9.42
CA LEU B 207 2.12 41.19 -8.20
C LEU B 207 3.49 41.76 -7.83
N ASN B 208 3.64 42.24 -6.59
CA ASN B 208 4.97 42.65 -6.06
C ASN B 208 5.92 41.44 -5.72
N ARG B 209 7.03 41.74 -5.04
CA ARG B 209 8.12 40.80 -4.78
C ARG B 209 7.62 39.66 -3.92
N GLU B 210 7.07 39.99 -2.74
CA GLU B 210 6.48 39.00 -1.83
C GLU B 210 5.34 38.21 -2.49
N GLU B 211 4.54 38.93 -3.26
CA GLU B 211 3.37 38.36 -3.90
C GLU B 211 3.77 37.37 -4.98
N SER B 212 4.86 37.66 -5.70
CA SER B 212 5.39 36.72 -6.73
C SER B 212 5.91 35.45 -6.03
N ILE B 213 6.62 35.63 -4.90
CA ILE B 213 7.09 34.50 -4.06
C ILE B 213 5.94 33.62 -3.65
N LEU B 214 4.94 34.24 -3.03
CA LEU B 214 3.76 33.47 -2.62
C LEU B 214 2.98 32.74 -3.71
N LYS B 215 2.91 33.40 -4.85
CA LYS B 215 2.25 32.84 -6.02
C LYS B 215 3.05 31.67 -6.59
N PHE B 216 4.37 31.86 -6.67
CA PHE B 216 5.28 30.75 -6.97
C PHE B 216 4.98 29.49 -6.14
N PHE B 217 4.95 29.65 -4.82
CA PHE B 217 4.65 28.49 -3.94
C PHE B 217 3.26 27.89 -4.26
N GLU B 218 2.25 28.74 -4.36
CA GLU B 218 0.87 28.28 -4.73
C GLU B 218 0.89 27.39 -6.00
N ILE B 219 1.57 27.87 -7.03
CA ILE B 219 1.59 27.13 -8.29
C ILE B 219 2.43 25.86 -8.16
N LEU B 220 3.57 25.94 -7.47
CA LEU B 220 4.43 24.78 -7.39
C LEU B 220 3.84 23.69 -6.47
N SER B 221 3.12 24.12 -5.47
CA SER B 221 2.69 23.21 -4.36
C SER B 221 1.99 21.93 -4.84
N PRO B 222 0.97 22.04 -5.74
CA PRO B 222 0.28 20.94 -6.41
C PRO B 222 1.13 19.88 -7.05
N VAL B 223 2.33 20.25 -7.50
CA VAL B 223 3.15 19.31 -8.28
C VAL B 223 4.44 18.94 -7.58
N TYR B 224 4.70 19.52 -6.41
CA TYR B 224 5.96 19.27 -5.68
C TYR B 224 5.74 19.54 -4.20
N ARG B 225 5.85 18.47 -3.42
CA ARG B 225 5.68 18.54 -1.98
C ARG B 225 6.99 18.91 -1.28
N PHE B 226 7.22 20.22 -1.18
CA PHE B 226 8.37 20.78 -0.42
C PHE B 226 8.12 20.97 1.11
N ASP B 227 6.94 20.63 1.59
CA ASP B 227 6.56 20.76 2.98
C ASP B 227 6.54 19.43 3.79
N LYS B 228 7.21 18.40 3.28
CA LYS B 228 7.25 17.16 3.99
C LYS B 228 8.41 16.32 3.50
N GLU B 229 8.91 15.40 4.32
CA GLU B 229 9.86 14.40 3.83
C GLU B 229 9.29 13.01 4.03
N CYS B 230 9.64 12.07 3.16
CA CYS B 230 9.16 10.69 3.25
C CYS B 230 10.33 9.70 3.39
N PHE B 231 10.15 8.64 4.15
CA PHE B 231 11.15 7.63 4.34
C PHE B 231 10.51 6.28 4.30
N LYS B 232 11.06 5.41 3.46
CA LYS B 232 10.78 3.99 3.54
C LYS B 232 11.44 3.40 4.76
N CYS B 233 10.65 2.72 5.57
CA CYS B 233 11.13 2.11 6.78
C CYS B 233 10.14 1.04 7.23
N ALA B 234 10.31 0.55 8.46
CA ALA B 234 9.42 -0.42 9.01
C ALA B 234 9.03 -0.05 10.41
N LEU B 235 7.76 -0.24 10.76
CA LEU B 235 7.24 -0.02 12.09
C LEU B 235 7.03 -1.28 12.88
N GLY B 236 7.31 -1.21 14.19
CA GLY B 236 6.98 -2.26 15.13
C GLY B 236 8.19 -2.88 15.73
N SER B 237 7.99 -3.47 16.90
CA SER B 237 9.08 -4.23 17.55
C SER B 237 8.90 -5.74 17.49
N SER B 238 7.69 -6.23 17.22
CA SER B 238 7.42 -7.69 17.18
C SER B 238 6.91 -8.11 15.83
N TRP B 239 5.79 -7.55 15.42
CA TRP B 239 5.28 -7.75 14.13
C TRP B 239 5.76 -6.49 13.41
N ILE B 240 6.60 -6.68 12.43
CA ILE B 240 7.24 -5.57 11.75
C ILE B 240 6.53 -5.36 10.42
N ILE B 241 6.08 -4.13 10.16
CA ILE B 241 5.45 -3.75 8.91
C ILE B 241 6.13 -2.66 8.10
N SER B 242 6.46 -2.96 6.84
CA SER B 242 7.03 -1.95 5.94
C SER B 242 6.08 -0.85 5.66
N VAL B 243 6.53 0.39 5.78
CA VAL B 243 5.73 1.56 5.46
C VAL B 243 6.57 2.59 4.80
N GLU B 244 5.91 3.61 4.31
CA GLU B 244 6.59 4.84 3.96
C GLU B 244 6.08 5.91 4.88
N LEU B 245 6.96 6.49 5.70
CA LEU B 245 6.53 7.49 6.63
C LEU B 245 6.58 8.82 5.97
N ALA B 246 5.73 9.74 6.40
CA ALA B 246 5.65 11.13 5.87
C ALA B 246 5.67 12.04 7.06
N ILE B 247 6.67 12.90 7.14
CA ILE B 247 6.89 13.71 8.34
C ILE B 247 6.94 15.15 7.88
N GLY B 248 6.14 16.03 8.50
CA GLY B 248 6.09 17.43 8.16
C GLY B 248 5.07 18.18 9.02
N PRO B 249 4.98 19.53 8.89
CA PRO B 249 4.21 20.35 9.79
C PRO B 249 2.73 19.92 9.87
N GLU B 250 2.11 19.55 8.75
CA GLU B 250 0.69 19.19 8.74
C GLU B 250 0.48 17.68 8.98
N GLU B 251 1.53 16.87 8.77
CA GLU B 251 1.43 15.41 8.95
C GLU B 251 1.77 14.88 10.34
N GLY B 252 2.49 15.68 11.10
CA GLY B 252 3.22 15.16 12.26
C GLY B 252 4.05 14.00 11.77
N ILE B 253 3.91 12.87 12.44
CA ILE B 253 4.39 11.61 11.90
C ILE B 253 3.20 10.84 11.35
N SER B 254 3.21 10.51 10.07
CA SER B 254 2.14 9.79 9.37
C SER B 254 2.75 8.73 8.50
N TYR B 255 1.89 7.86 7.90
CA TYR B 255 2.31 6.90 6.91
C TYR B 255 1.42 6.90 5.71
N LEU B 256 1.96 6.53 4.56
CA LEU B 256 1.29 6.47 3.23
C LEU B 256 0.62 5.12 3.01
N THR B 257 -0.48 5.14 2.27
CA THR B 257 -1.18 3.89 1.93
C THR B 257 -1.30 3.72 0.40
N ASP B 258 -1.83 4.68 -0.34
CA ASP B 258 -1.91 4.56 -1.85
C ASP B 258 -1.49 5.86 -2.47
N LYS B 259 -0.92 5.84 -3.69
CA LYS B 259 -0.40 7.07 -4.32
C LYS B 259 -1.41 8.19 -4.13
N GLY B 260 -2.71 7.90 -4.36
CA GLY B 260 -3.78 8.88 -4.14
C GLY B 260 -3.79 9.55 -2.76
N ALA B 261 -3.79 8.76 -1.70
CA ALA B 261 -4.48 9.14 -0.50
C ALA B 261 -3.71 10.15 0.38
N ASN B 262 -4.43 10.87 1.21
CA ASN B 262 -3.81 11.59 2.32
C ASN B 262 -3.00 10.58 3.19
N PRO B 263 -1.89 11.00 3.80
CA PRO B 263 -1.23 10.18 4.76
C PRO B 263 -2.12 9.87 5.97
N THR B 264 -1.96 8.68 6.58
CA THR B 264 -2.64 8.39 7.87
C THR B 264 -1.78 8.76 9.08
N HIS B 265 -2.38 9.54 9.97
CA HIS B 265 -1.67 10.07 11.12
C HIS B 265 -1.26 9.03 12.16
N LEU B 266 -0.08 9.16 12.74
CA LEU B 266 0.30 8.31 13.87
C LEU B 266 0.46 9.09 15.12
N ALA B 267 1.27 10.15 15.07
CA ALA B 267 1.53 10.95 16.26
C ALA B 267 1.86 12.36 15.93
N ASP B 268 1.61 13.25 16.89
CA ASP B 268 2.05 14.62 16.76
C ASP B 268 3.37 14.84 17.47
N PHE B 269 4.14 15.78 16.96
CA PHE B 269 5.46 16.08 17.56
C PHE B 269 5.35 16.48 19.04
N ASN B 270 4.25 17.18 19.38
CA ASN B 270 4.13 17.70 20.71
C ASN B 270 3.86 16.51 21.67
N GLN B 271 3.58 15.30 21.20
CA GLN B 271 3.44 14.15 22.14
C GLN B 271 4.75 13.42 22.37
N VAL B 272 5.81 13.72 21.60
CA VAL B 272 7.04 12.94 21.73
C VAL B 272 7.73 13.26 23.04
N GLN B 273 8.02 12.23 23.84
CA GLN B 273 8.78 12.47 25.09
C GLN B 273 10.30 12.23 24.97
N THR B 274 10.68 11.08 24.40
CA THR B 274 12.07 10.74 24.18
C THR B 274 12.23 10.06 22.81
N ILE B 275 13.38 10.30 22.21
CA ILE B 275 13.81 9.67 20.95
C ILE B 275 15.14 8.96 21.32
N GLN B 276 15.37 7.74 20.80
CA GLN B 276 16.63 7.00 21.03
C GLN B 276 16.95 6.13 19.81
N TYR B 277 18.23 5.88 19.67
CA TYR B 277 18.73 4.83 18.87
C TYR B 277 18.74 3.61 19.76
N SER B 278 18.24 2.48 19.25
CA SER B 278 18.26 1.25 20.00
C SER B 278 19.05 0.16 19.32
N ASN B 279 19.83 -0.62 20.09
CA ASN B 279 20.48 -1.83 19.63
C ASN B 279 19.49 -2.97 19.51
N SER B 280 19.48 -3.66 18.36
CA SER B 280 18.57 -4.81 18.05
C SER B 280 19.16 -6.16 18.49
N GLU B 281 18.27 -7.17 18.65
CA GLU B 281 18.63 -8.62 18.81
C GLU B 281 19.84 -9.04 17.95
N ASP B 282 19.86 -8.66 16.66
CA ASP B 282 21.11 -8.58 15.83
C ASP B 282 20.77 -7.84 14.54
N LYS B 283 21.73 -7.10 14.00
CA LYS B 283 21.47 -6.20 12.85
C LYS B 283 21.60 -6.98 11.53
N GLY B 287 19.98 0.64 12.18
CA GLY B 287 18.73 1.25 11.70
C GLY B 287 17.60 1.68 12.68
N MET B 288 17.67 1.38 13.97
CA MET B 288 16.44 1.35 14.76
C MET B 288 16.29 2.59 15.71
N LEU B 289 15.15 3.26 15.61
CA LEU B 289 14.79 4.38 16.48
C LEU B 289 13.60 3.96 17.26
N GLN B 290 13.53 4.39 18.52
CA GLN B 290 12.34 4.19 19.34
C GLN B 290 11.95 5.49 20.03
N LEU B 291 10.67 5.82 19.90
CA LEU B 291 10.11 7.05 20.42
C LEU B 291 9.12 6.71 21.57
N LYS B 292 9.27 7.34 22.73
CA LYS B 292 8.22 7.21 23.78
C LYS B 292 7.34 8.41 23.63
N ILE B 293 6.04 8.15 23.51
CA ILE B 293 5.07 9.10 23.08
C ILE B 293 3.98 9.21 24.15
N ALA B 294 3.76 10.41 24.64
CA ALA B 294 2.75 10.62 25.72
C ALA B 294 1.39 10.15 25.24
N GLY B 295 0.68 9.41 26.07
CA GLY B 295 -0.62 8.93 25.68
C GLY B 295 -0.63 7.57 25.01
N ALA B 296 0.54 7.05 24.65
CA ALA B 296 0.60 5.80 23.94
C ALA B 296 1.29 4.78 24.87
N PRO B 297 0.66 3.63 25.05
CA PRO B 297 1.23 2.66 25.98
C PRO B 297 2.52 1.99 25.47
N GLU B 298 2.64 1.79 24.15
CA GLU B 298 3.85 1.22 23.55
C GLU B 298 4.70 2.29 22.87
N PRO B 299 6.02 2.14 22.89
CA PRO B 299 6.83 3.09 22.12
C PRO B 299 6.57 2.86 20.62
N LEU B 300 6.86 3.89 19.82
CA LEU B 300 6.86 3.74 18.36
C LEU B 300 8.23 3.29 17.91
N THR B 301 8.35 2.16 17.26
CA THR B 301 9.62 1.59 16.87
C THR B 301 9.78 1.69 15.35
N VAL B 302 10.80 2.36 14.88
CA VAL B 302 11.01 2.61 13.47
C VAL B 302 12.32 2.02 13.11
N THR B 303 12.33 1.06 12.19
CA THR B 303 13.58 0.55 11.69
C THR B 303 13.85 1.06 10.28
N ALA B 304 14.93 1.83 10.13
CA ALA B 304 15.32 2.40 8.83
C ALA B 304 16.23 1.41 8.16
N PRO B 305 16.41 1.53 6.86
CA PRO B 305 17.27 0.55 6.16
C PRO B 305 18.75 0.74 6.46
N SER B 306 19.18 1.90 6.98
CA SER B 306 20.56 2.07 7.36
C SER B 306 20.64 3.01 8.58
N LEU B 307 21.75 2.95 9.23
CA LEU B 307 22.03 3.90 10.28
C LEU B 307 21.97 5.36 9.75
N THR B 308 22.47 5.62 8.57
CA THR B 308 22.47 6.98 8.00
C THR B 308 21.05 7.49 7.89
N ILE B 309 20.14 6.66 7.38
CA ILE B 309 18.75 7.07 7.25
C ILE B 309 18.12 7.25 8.64
N ALA B 310 18.42 6.35 9.58
CA ALA B 310 17.99 6.53 10.92
C ALA B 310 18.44 7.86 11.51
N GLU B 311 19.69 8.22 11.30
CA GLU B 311 20.18 9.45 11.85
C GLU B 311 19.49 10.68 11.20
N ASN B 312 19.21 10.58 9.90
CA ASN B 312 18.55 11.65 9.16
C ASN B 312 17.14 11.84 9.63
N MET B 313 16.49 10.73 9.91
CA MET B 313 15.16 10.75 10.50
C MET B 313 15.12 11.30 11.94
N ALA B 314 16.04 10.85 12.79
CA ALA B 314 16.18 11.38 14.14
C ALA B 314 16.40 12.88 14.14
N ASP B 315 17.21 13.41 13.22
CA ASP B 315 17.48 14.84 13.15
C ASP B 315 16.14 15.55 12.85
N LEU B 316 15.37 15.03 11.92
CA LEU B 316 14.17 15.65 11.49
C LEU B 316 13.13 15.70 12.63
N ILE B 317 12.95 14.58 13.29
CA ILE B 317 11.97 14.44 14.32
C ILE B 317 12.38 15.29 15.55
N ASP B 318 13.65 15.21 15.92
CA ASP B 318 14.13 15.99 17.03
C ASP B 318 13.95 17.50 16.73
N GLY B 319 14.17 17.92 15.48
CA GLY B 319 14.12 19.33 15.12
C GLY B 319 12.68 19.82 15.25
N TYR B 320 11.70 18.99 14.86
CA TYR B 320 10.28 19.31 15.04
C TYR B 320 9.90 19.31 16.53
N CYS B 321 10.42 18.36 17.35
CA CYS B 321 10.15 18.36 18.75
C CYS B 321 10.64 19.67 19.41
N ARG B 322 11.81 20.11 19.06
CA ARG B 322 12.36 21.35 19.61
C ARG B 322 11.48 22.55 19.14
N LEU B 323 11.13 22.54 17.85
CA LEU B 323 10.38 23.61 17.20
C LEU B 323 9.03 23.73 17.91
N VAL B 324 8.25 22.68 17.99
CA VAL B 324 6.90 22.84 18.47
C VAL B 324 6.89 23.08 19.97
N ASN B 325 7.90 22.65 20.70
CA ASN B 325 7.91 22.92 22.14
C ASN B 325 8.63 24.22 22.48
N GLY B 326 9.15 24.95 21.50
CA GLY B 326 10.01 26.06 21.88
C GLY B 326 11.21 25.70 22.75
N ALA B 327 11.72 24.47 22.63
CA ALA B 327 12.86 24.00 23.45
C ALA B 327 14.19 24.12 22.72
N THR B 328 15.27 24.33 23.44
CA THR B 328 16.59 24.40 22.84
C THR B 328 17.29 23.03 22.97
N GLN B 329 16.91 22.22 23.94
CA GLN B 329 17.59 20.96 24.22
C GLN B 329 16.94 19.82 23.40
N SER B 330 17.81 18.97 22.88
CA SER B 330 17.43 17.73 22.22
C SER B 330 16.58 16.84 23.06
N PHE B 331 15.64 16.21 22.38
CA PHE B 331 14.78 15.16 22.92
C PHE B 331 15.40 13.78 22.79
N ILE B 332 16.58 13.71 22.23
CA ILE B 332 17.23 12.39 22.06
C ILE B 332 17.92 12.00 23.38
N ILE B 333 17.62 10.80 23.85
CA ILE B 333 18.30 10.26 25.06
C ILE B 333 19.43 9.34 24.64
N ARG B 334 20.44 9.26 25.49
CA ARG B 334 21.71 8.64 25.18
C ARG B 334 22.20 7.80 26.35
N PRO B 335 22.97 6.75 26.04
CA PRO B 335 23.62 6.01 27.09
C PRO B 335 24.55 6.87 27.88
N GLN B 336 24.62 6.59 29.15
CA GLN B 336 25.50 7.27 30.05
C GLN B 336 26.98 7.24 29.61
N LYS B 337 27.39 6.13 29.04
CA LYS B 337 28.79 6.00 28.62
C LYS B 337 29.09 6.80 27.38
N GLU B 338 30.06 7.69 27.46
CA GLU B 338 30.45 8.51 26.34
C GLU B 338 30.96 7.62 25.24
N GLY B 339 30.68 8.04 24.02
CA GLY B 339 31.10 7.27 22.85
C GLY B 339 30.18 6.11 22.50
N GLU B 340 29.23 5.77 23.38
CA GLU B 340 28.19 4.80 23.04
C GLU B 340 27.05 5.63 22.38
N ARG B 341 26.50 5.07 21.30
CA ARG B 341 25.43 5.71 20.50
C ARG B 341 24.00 5.30 20.97
N ALA B 342 23.84 3.99 21.07
CA ALA B 342 22.55 3.42 21.19
C ALA B 342 22.31 2.92 22.61
N LEU B 343 21.05 3.01 23.05
CA LEU B 343 20.57 2.37 24.23
C LEU B 343 20.12 0.94 23.96
N PRO B 344 19.91 0.14 25.04
CA PRO B 344 19.23 -1.12 24.84
C PRO B 344 17.83 -0.89 24.30
N SER B 345 17.31 -1.84 23.53
CA SER B 345 15.91 -1.68 23.10
C SER B 345 15.02 -1.56 24.29
N ILE B 346 13.93 -0.80 24.12
CA ILE B 346 13.03 -0.56 25.24
C ILE B 346 12.42 -1.91 25.64
N PRO B 347 12.39 -2.25 26.97
CA PRO B 347 11.72 -3.50 27.39
C PRO B 347 10.26 -3.66 26.90
N LYS B 348 9.85 -4.88 26.55
CA LYS B 348 8.45 -5.19 26.08
C LYS B 348 7.33 -5.08 27.15
N LEU B 349 6.07 -4.89 26.73
CA LEU B 349 4.90 -4.87 27.67
C LEU B 349 4.72 -6.18 28.43
N THR B 367 40.39 26.06 18.68
CA THR B 367 40.52 25.41 20.00
C THR B 367 39.24 25.52 20.91
N ASP B 368 38.59 26.71 21.01
CA ASP B 368 37.31 26.89 21.78
C ASP B 368 36.02 26.83 20.84
N ASP B 369 34.85 27.30 21.32
CA ASP B 369 33.54 27.14 20.62
C ASP B 369 33.03 28.38 19.86
N TYR B 370 33.94 29.35 19.62
CA TYR B 370 33.64 30.55 18.81
C TYR B 370 33.18 30.17 17.40
N ALA B 371 32.49 31.11 16.77
CA ALA B 371 32.21 31.07 15.34
C ALA B 371 32.20 32.52 14.82
N GLU B 372 32.97 32.80 13.78
CA GLU B 372 33.13 34.15 13.22
C GLU B 372 33.04 33.99 11.69
N ILE B 373 32.18 34.78 11.05
CA ILE B 373 32.04 34.80 9.60
C ILE B 373 33.16 35.72 9.05
N ILE B 374 33.78 35.36 7.91
CA ILE B 374 34.76 36.23 7.19
C ILE B 374 34.04 36.96 6.01
N ASP B 375 33.62 38.22 6.22
CA ASP B 375 32.83 38.96 5.22
C ASP B 375 33.51 38.99 3.84
#